data_9DEA
# 
_entry.id   9DEA 
# 
_audit_conform.dict_name       mmcif_pdbx.dic 
_audit_conform.dict_version    5.402 
_audit_conform.dict_location   http://mmcif.pdb.org/dictionaries/ascii/mmcif_pdbx.dic 
# 
loop_
_database_2.database_id 
_database_2.database_code 
_database_2.pdbx_database_accession 
_database_2.pdbx_DOI 
PDB   9DEA         pdb_00009dea 10.2210/pdb9dea/pdb 
WWPDB D_1000287928 ?            ?                   
# 
_pdbx_audit_revision_history.ordinal             1 
_pdbx_audit_revision_history.data_content_type   'Structure model' 
_pdbx_audit_revision_history.major_revision      1 
_pdbx_audit_revision_history.minor_revision      0 
_pdbx_audit_revision_history.revision_date       2025-03-26 
_pdbx_audit_revision_history.part_number         ? 
# 
_pdbx_audit_revision_details.ordinal             1 
_pdbx_audit_revision_details.revision_ordinal    1 
_pdbx_audit_revision_details.data_content_type   'Structure model' 
_pdbx_audit_revision_details.provider            repository 
_pdbx_audit_revision_details.type                'Initial release' 
_pdbx_audit_revision_details.description         ? 
_pdbx_audit_revision_details.details             ? 
# 
_pdbx_database_status.status_code                     REL 
_pdbx_database_status.status_code_sf                  REL 
_pdbx_database_status.status_code_mr                  ? 
_pdbx_database_status.entry_id                        9DEA 
_pdbx_database_status.recvd_initial_deposition_date   2024-08-28 
_pdbx_database_status.SG_entry                        N 
_pdbx_database_status.deposit_site                    RCSB 
_pdbx_database_status.process_site                    RCSB 
_pdbx_database_status.status_code_cs                  ? 
_pdbx_database_status.status_code_nmr_data            ? 
_pdbx_database_status.methods_development_category    ? 
_pdbx_database_status.pdb_format_compatible           Y 
# 
_pdbx_contact_author.id                 2 
_pdbx_contact_author.email              dabaker@gmail.com 
_pdbx_contact_author.name_first         David 
_pdbx_contact_author.name_last          Baker 
_pdbx_contact_author.name_mi            ? 
_pdbx_contact_author.role               'principal investigator/group leader' 
_pdbx_contact_author.identifier_ORCID   0000-0001-7896-6217 
# 
loop_
_audit_author.name 
_audit_author.pdbx_ordinal 
_audit_author.identifier_ORCID 
'Bera, A.K.' 1 ? 
'Sims, J.'   2 ? 
'Baker, D.'  3 ? 
# 
_citation.abstract                  ? 
_citation.abstract_id_CAS           ? 
_citation.book_id_ISBN              ? 
_citation.book_publisher            ? 
_citation.book_publisher_city       ? 
_citation.book_title                ? 
_citation.coordinate_linkage        ? 
_citation.country                   US 
_citation.database_id_Medline       ? 
_citation.details                   ? 
_citation.id                        primary 
_citation.journal_abbrev            Biorxiv 
_citation.journal_id_ASTM           ? 
_citation.journal_id_CSD            ? 
_citation.journal_id_ISSN           2692-8205 
_citation.journal_full              ? 
_citation.journal_issue             ? 
_citation.journal_volume            ? 
_citation.language                  ? 
_citation.page_first                ? 
_citation.page_last                 ? 
_citation.title                     
'Massively parallel assessment of designed protein solution properties using mass spectrometry and peptide barcoding.' 
_citation.year                      2025 
_citation.database_id_CSD           ? 
_citation.pdbx_database_id_DOI      10.1101/2025.02.24.639402 
_citation.pdbx_database_id_PubMed   40060547 
_citation.pdbx_database_id_patent   ? 
_citation.unpublished_flag          ? 
# 
loop_
_citation_author.citation_id 
_citation_author.name 
_citation_author.ordinal 
_citation_author.identifier_ORCID 
primary 'Feldman, D.'       1  ?                   
primary 'Sims, J.N.'        2  0000-0002-0479-0367 
primary 'Li, X.'            3  ?                   
primary 'Johnson, R.'       4  ?                   
primary 'Gerben, S.'        5  ?                   
primary 'Kim, D.E.'         6  0000-0002-0023-956X 
primary 'Richardson, C.'    7  ?                   
primary 'Koepnick, B.'      8  ?                   
primary 'Eisenach, H.'      9  ?                   
primary 'Hicks, D.R.'       10 ?                   
primary 'Yang, E.C.'        11 0000-0002-1305-9066 
primary 'Wicky, B.I.M.'     12 ?                   
primary 'Milles, L.F.'      13 0000-0001-8417-3205 
primary 'Bera, A.K.'        14 ?                   
primary 'Kang, A.'          15 ?                   
primary 'Brackenbrough, E.' 16 ?                   
primary 'Joyce, E.'         17 ?                   
primary 'Sankaran, B.'      18 ?                   
primary 'Lubner, J.M.'      19 ?                   
primary 'Goreshnik, I.'     20 ?                   
primary 'Vafeados, D.'      21 ?                   
primary 'Allen, A.'         22 ?                   
primary 'Stewart, L.'       23 ?                   
primary 'MacCoss, M.J.'     24 0000-0003-1853-0256 
primary 'Baker, D.'         25 ?                   
# 
_entity.id                         1 
_entity.type                       polymer 
_entity.src_method                 man 
_entity.pdbx_description           C3_threaded 
_entity.formula_weight             8776.446 
_entity.pdbx_number_of_molecules   1 
_entity.pdbx_ec                    ? 
_entity.pdbx_mutation              ? 
_entity.pdbx_fragment              ? 
_entity.details                    ? 
# 
_entity_poly.entity_id                      1 
_entity_poly.type                           'polypeptide(L)' 
_entity_poly.nstd_linkage                   no 
_entity_poly.nstd_monomer                   no 
_entity_poly.pdbx_seq_one_letter_code       SALLEKIEKEAERLLDKDEAKLLILAEKFSGYAPACLLALVRQGADSLSLLIALEILLKVLTPENEPIILLGLKAILEKE 
_entity_poly.pdbx_seq_one_letter_code_can   SALLEKIEKEAERLLDKDEAKLLILAEKFSGYAPACLLALVRQGADSLSLLIALEILLKVLTPENEPIILLGLKAILEKE 
_entity_poly.pdbx_strand_id                 A 
_entity_poly.pdbx_target_identifier         ? 
# 
loop_
_entity_poly_seq.entity_id 
_entity_poly_seq.num 
_entity_poly_seq.mon_id 
_entity_poly_seq.hetero 
1 1  SER n 
1 2  ALA n 
1 3  LEU n 
1 4  LEU n 
1 5  GLU n 
1 6  LYS n 
1 7  ILE n 
1 8  GLU n 
1 9  LYS n 
1 10 GLU n 
1 11 ALA n 
1 12 GLU n 
1 13 ARG n 
1 14 LEU n 
1 15 LEU n 
1 16 ASP n 
1 17 LYS n 
1 18 ASP n 
1 19 GLU n 
1 20 ALA n 
1 21 LYS n 
1 22 LEU n 
1 23 LEU n 
1 24 ILE n 
1 25 LEU n 
1 26 ALA n 
1 27 GLU n 
1 28 LYS n 
1 29 PHE n 
1 30 SER n 
1 31 GLY n 
1 32 TYR n 
1 33 ALA n 
1 34 PRO n 
1 35 ALA n 
1 36 CYS n 
1 37 LEU n 
1 38 LEU n 
1 39 ALA n 
1 40 LEU n 
1 41 VAL n 
1 42 ARG n 
1 43 GLN n 
1 44 GLY n 
1 45 ALA n 
1 46 ASP n 
1 47 SER n 
1 48 LEU n 
1 49 SER n 
1 50 LEU n 
1 51 LEU n 
1 52 ILE n 
1 53 ALA n 
1 54 LEU n 
1 55 GLU n 
1 56 ILE n 
1 57 LEU n 
1 58 LEU n 
1 59 LYS n 
1 60 VAL n 
1 61 LEU n 
1 62 THR n 
1 63 PRO n 
1 64 GLU n 
1 65 ASN n 
1 66 GLU n 
1 67 PRO n 
1 68 ILE n 
1 69 ILE n 
1 70 LEU n 
1 71 LEU n 
1 72 GLY n 
1 73 LEU n 
1 74 LYS n 
1 75 ALA n 
1 76 ILE n 
1 77 LEU n 
1 78 GLU n 
1 79 LYS n 
1 80 GLU n 
# 
_entity_src_gen.entity_id                          1 
_entity_src_gen.pdbx_src_id                        1 
_entity_src_gen.pdbx_alt_source_flag               sample 
_entity_src_gen.pdbx_seq_type                      'Biological sequence' 
_entity_src_gen.pdbx_beg_seq_num                   1 
_entity_src_gen.pdbx_end_seq_num                   80 
_entity_src_gen.gene_src_common_name               ? 
_entity_src_gen.gene_src_genus                     ? 
_entity_src_gen.pdbx_gene_src_gene                 ? 
_entity_src_gen.gene_src_species                   ? 
_entity_src_gen.gene_src_strain                    ? 
_entity_src_gen.gene_src_tissue                    ? 
_entity_src_gen.gene_src_tissue_fraction           ? 
_entity_src_gen.gene_src_details                   ? 
_entity_src_gen.pdbx_gene_src_fragment             ? 
_entity_src_gen.pdbx_gene_src_scientific_name      'synthetic construct' 
_entity_src_gen.pdbx_gene_src_ncbi_taxonomy_id     32630 
_entity_src_gen.pdbx_gene_src_variant              ? 
_entity_src_gen.pdbx_gene_src_cell_line            ? 
_entity_src_gen.pdbx_gene_src_atcc                 ? 
_entity_src_gen.pdbx_gene_src_organ                ? 
_entity_src_gen.pdbx_gene_src_organelle            ? 
_entity_src_gen.pdbx_gene_src_cell                 ? 
_entity_src_gen.pdbx_gene_src_cellular_location    ? 
_entity_src_gen.host_org_common_name               ? 
_entity_src_gen.pdbx_host_org_scientific_name      'Escherichia coli' 
_entity_src_gen.pdbx_host_org_ncbi_taxonomy_id     562 
_entity_src_gen.host_org_genus                     ? 
_entity_src_gen.pdbx_host_org_gene                 ? 
_entity_src_gen.pdbx_host_org_organ                ? 
_entity_src_gen.host_org_species                   ? 
_entity_src_gen.pdbx_host_org_tissue               ? 
_entity_src_gen.pdbx_host_org_tissue_fraction      ? 
_entity_src_gen.pdbx_host_org_strain               ? 
_entity_src_gen.pdbx_host_org_variant              ? 
_entity_src_gen.pdbx_host_org_cell_line            ? 
_entity_src_gen.pdbx_host_org_atcc                 ? 
_entity_src_gen.pdbx_host_org_culture_collection   ? 
_entity_src_gen.pdbx_host_org_cell                 ? 
_entity_src_gen.pdbx_host_org_organelle            ? 
_entity_src_gen.pdbx_host_org_cellular_location    ? 
_entity_src_gen.pdbx_host_org_vector_type          ? 
_entity_src_gen.pdbx_host_org_vector               ? 
_entity_src_gen.host_org_details                   ? 
_entity_src_gen.expression_system_id               ? 
_entity_src_gen.plasmid_name                       ? 
_entity_src_gen.plasmid_details                    ? 
_entity_src_gen.pdbx_description                   ? 
# 
loop_
_chem_comp.id 
_chem_comp.type 
_chem_comp.mon_nstd_flag 
_chem_comp.name 
_chem_comp.pdbx_synonyms 
_chem_comp.formula 
_chem_comp.formula_weight 
ALA 'L-peptide linking' y ALANINE         ? 'C3 H7 N O2'     89.093  
ARG 'L-peptide linking' y ARGININE        ? 'C6 H15 N4 O2 1' 175.209 
ASN 'L-peptide linking' y ASPARAGINE      ? 'C4 H8 N2 O3'    132.118 
ASP 'L-peptide linking' y 'ASPARTIC ACID' ? 'C4 H7 N O4'     133.103 
CYS 'L-peptide linking' y CYSTEINE        ? 'C3 H7 N O2 S'   121.158 
GLN 'L-peptide linking' y GLUTAMINE       ? 'C5 H10 N2 O3'   146.144 
GLU 'L-peptide linking' y 'GLUTAMIC ACID' ? 'C5 H9 N O4'     147.129 
GLY 'peptide linking'   y GLYCINE         ? 'C2 H5 N O2'     75.067  
ILE 'L-peptide linking' y ISOLEUCINE      ? 'C6 H13 N O2'    131.173 
LEU 'L-peptide linking' y LEUCINE         ? 'C6 H13 N O2'    131.173 
LYS 'L-peptide linking' y LYSINE          ? 'C6 H15 N2 O2 1' 147.195 
PHE 'L-peptide linking' y PHENYLALANINE   ? 'C9 H11 N O2'    165.189 
PRO 'L-peptide linking' y PROLINE         ? 'C5 H9 N O2'     115.130 
SER 'L-peptide linking' y SERINE          ? 'C3 H7 N O3'     105.093 
THR 'L-peptide linking' y THREONINE       ? 'C4 H9 N O3'     119.119 
TYR 'L-peptide linking' y TYROSINE        ? 'C9 H11 N O3'    181.189 
VAL 'L-peptide linking' y VALINE          ? 'C5 H11 N O2'    117.146 
# 
loop_
_pdbx_poly_seq_scheme.asym_id 
_pdbx_poly_seq_scheme.entity_id 
_pdbx_poly_seq_scheme.seq_id 
_pdbx_poly_seq_scheme.mon_id 
_pdbx_poly_seq_scheme.ndb_seq_num 
_pdbx_poly_seq_scheme.pdb_seq_num 
_pdbx_poly_seq_scheme.auth_seq_num 
_pdbx_poly_seq_scheme.pdb_mon_id 
_pdbx_poly_seq_scheme.auth_mon_id 
_pdbx_poly_seq_scheme.pdb_strand_id 
_pdbx_poly_seq_scheme.pdb_ins_code 
_pdbx_poly_seq_scheme.hetero 
A 1 1  SER 1  1  ?  ?   ?   A . n 
A 1 2  ALA 2  2  2  ALA ALA A . n 
A 1 3  LEU 3  3  3  LEU LEU A . n 
A 1 4  LEU 4  4  4  LEU LEU A . n 
A 1 5  GLU 5  5  5  GLU GLU A . n 
A 1 6  LYS 6  6  6  LYS LYS A . n 
A 1 7  ILE 7  7  7  ILE ILE A . n 
A 1 8  GLU 8  8  8  GLU GLU A . n 
A 1 9  LYS 9  9  9  LYS LYS A . n 
A 1 10 GLU 10 10 10 GLU GLU A . n 
A 1 11 ALA 11 11 11 ALA ALA A . n 
A 1 12 GLU 12 12 12 GLU GLU A . n 
A 1 13 ARG 13 13 13 ARG ARG A . n 
A 1 14 LEU 14 14 14 LEU LEU A . n 
A 1 15 LEU 15 15 15 LEU LEU A . n 
A 1 16 ASP 16 16 16 ASP ASP A . n 
A 1 17 LYS 17 17 17 LYS LYS A . n 
A 1 18 ASP 18 18 18 ASP ASP A . n 
A 1 19 GLU 19 19 19 GLU GLU A . n 
A 1 20 ALA 20 20 20 ALA ALA A . n 
A 1 21 LYS 21 21 21 LYS LYS A . n 
A 1 22 LEU 22 22 22 LEU LEU A . n 
A 1 23 LEU 23 23 23 LEU LEU A . n 
A 1 24 ILE 24 24 24 ILE ILE A . n 
A 1 25 LEU 25 25 25 LEU LEU A . n 
A 1 26 ALA 26 26 26 ALA ALA A . n 
A 1 27 GLU 27 27 27 GLU GLU A . n 
A 1 28 LYS 28 28 28 LYS LYS A . n 
A 1 29 PHE 29 29 29 PHE PHE A . n 
A 1 30 SER 30 30 30 SER SER A . n 
A 1 31 GLY 31 31 31 GLY GLY A . n 
A 1 32 TYR 32 32 32 TYR TYR A . n 
A 1 33 ALA 33 33 33 ALA ALA A . n 
A 1 34 PRO 34 34 34 PRO PRO A . n 
A 1 35 ALA 35 35 35 ALA ALA A . n 
A 1 36 CYS 36 36 36 CYS CYS A . n 
A 1 37 LEU 37 37 37 LEU LEU A . n 
A 1 38 LEU 38 38 38 LEU LEU A . n 
A 1 39 ALA 39 39 39 ALA ALA A . n 
A 1 40 LEU 40 40 40 LEU LEU A . n 
A 1 41 VAL 41 41 41 VAL VAL A . n 
A 1 42 ARG 42 42 42 ARG ARG A . n 
A 1 43 GLN 43 43 43 GLN GLN A . n 
A 1 44 GLY 44 44 44 GLY GLY A . n 
A 1 45 ALA 45 45 45 ALA ALA A . n 
A 1 46 ASP 46 46 46 ASP ASP A . n 
A 1 47 SER 47 47 47 SER SER A . n 
A 1 48 LEU 48 48 48 LEU LEU A . n 
A 1 49 SER 49 49 49 SER SER A . n 
A 1 50 LEU 50 50 50 LEU LEU A . n 
A 1 51 LEU 51 51 51 LEU LEU A . n 
A 1 52 ILE 52 52 52 ILE ILE A . n 
A 1 53 ALA 53 53 53 ALA ALA A . n 
A 1 54 LEU 54 54 54 LEU LEU A . n 
A 1 55 GLU 55 55 55 GLU GLU A . n 
A 1 56 ILE 56 56 56 ILE ILE A . n 
A 1 57 LEU 57 57 57 LEU LEU A . n 
A 1 58 LEU 58 58 58 LEU LEU A . n 
A 1 59 LYS 59 59 59 LYS LYS A . n 
A 1 60 VAL 60 60 60 VAL VAL A . n 
A 1 61 LEU 61 61 61 LEU LEU A . n 
A 1 62 THR 62 62 62 THR THR A . n 
A 1 63 PRO 63 63 63 PRO PRO A . n 
A 1 64 GLU 64 64 64 GLU GLU A . n 
A 1 65 ASN 65 65 65 ASN ASN A . n 
A 1 66 GLU 66 66 66 GLU GLU A . n 
A 1 67 PRO 67 67 67 PRO PRO A . n 
A 1 68 ILE 68 68 68 ILE ILE A . n 
A 1 69 ILE 69 69 69 ILE ILE A . n 
A 1 70 LEU 70 70 70 LEU LEU A . n 
A 1 71 LEU 71 71 71 LEU LEU A . n 
A 1 72 GLY 72 72 72 GLY GLY A . n 
A 1 73 LEU 73 73 73 LEU LEU A . n 
A 1 74 LYS 74 74 74 LYS LYS A . n 
A 1 75 ALA 75 75 75 ALA ALA A . n 
A 1 76 ILE 76 76 76 ILE ILE A . n 
A 1 77 LEU 77 77 77 LEU LEU A . n 
A 1 78 GLU 78 78 78 GLU GLU A . n 
A 1 79 LYS 79 79 79 LYS LYS A . n 
A 1 80 GLU 80 80 80 GLU GLU A . n 
# 
loop_
_software.citation_id 
_software.classification 
_software.compiler_name 
_software.compiler_version 
_software.contact_author 
_software.contact_author_email 
_software.date 
_software.description 
_software.dependencies 
_software.hardware 
_software.language 
_software.location 
_software.mods 
_software.name 
_software.os 
_software.os_version 
_software.type 
_software.version 
_software.pdbx_ordinal 
? refinement       ? ? ? ? ? ? ? ? ? ? ? PHENIX ? ? ? 1.21.1_5286 1 
? 'data reduction' ? ? ? ? ? ? ? ? ? ? ? XDS    ? ? ? .           2 
? 'data scaling'   ? ? ? ? ? ? ? ? ? ? ? XSCALE ? ? ? .           3 
? phasing          ? ? ? ? ? ? ? ? ? ? ? PHASER ? ? ? .           4 
# 
_cell.angle_alpha                  90.000 
_cell.angle_alpha_esd              ? 
_cell.angle_beta                   90.000 
_cell.angle_beta_esd               ? 
_cell.angle_gamma                  90.000 
_cell.angle_gamma_esd              ? 
_cell.entry_id                     9DEA 
_cell.details                      ? 
_cell.formula_units_Z              ? 
_cell.length_a                     72.649 
_cell.length_a_esd                 ? 
_cell.length_b                     72.649 
_cell.length_b_esd                 ? 
_cell.length_c                     72.649 
_cell.length_c_esd                 ? 
_cell.volume                       383432.501 
_cell.volume_esd                   ? 
_cell.Z_PDB                        24 
_cell.reciprocal_angle_alpha       ? 
_cell.reciprocal_angle_beta        ? 
_cell.reciprocal_angle_gamma       ? 
_cell.reciprocal_angle_alpha_esd   ? 
_cell.reciprocal_angle_beta_esd    ? 
_cell.reciprocal_angle_gamma_esd   ? 
_cell.reciprocal_length_a          ? 
_cell.reciprocal_length_b          ? 
_cell.reciprocal_length_c          ? 
_cell.reciprocal_length_a_esd      ? 
_cell.reciprocal_length_b_esd      ? 
_cell.reciprocal_length_c_esd      ? 
_cell.pdbx_unique_axis             ? 
_cell.pdbx_esd_method              ? 
# 
_symmetry.entry_id                         9DEA 
_symmetry.cell_setting                     ? 
_symmetry.Int_Tables_number                197 
_symmetry.space_group_name_Hall            'I 2 2 3' 
_symmetry.space_group_name_H-M             'I 2 3' 
_symmetry.pdbx_full_space_group_name_H-M   ? 
# 
_exptl.absorpt_coefficient_mu     ? 
_exptl.absorpt_correction_T_max   ? 
_exptl.absorpt_correction_T_min   ? 
_exptl.absorpt_correction_type    ? 
_exptl.absorpt_process_details    ? 
_exptl.entry_id                   9DEA 
_exptl.crystals_number            1 
_exptl.details                    ? 
_exptl.method                     'X-RAY DIFFRACTION' 
_exptl.method_details             ? 
# 
_exptl_crystal.colour                       ? 
_exptl_crystal.density_diffrn               ? 
_exptl_crystal.density_Matthews             1.82 
_exptl_crystal.density_method               ? 
_exptl_crystal.density_percent_sol          32.43 
_exptl_crystal.description                  ? 
_exptl_crystal.F_000                        ? 
_exptl_crystal.id                           1 
_exptl_crystal.preparation                  ? 
_exptl_crystal.size_max                     ? 
_exptl_crystal.size_mid                     ? 
_exptl_crystal.size_min                     ? 
_exptl_crystal.size_rad                     ? 
_exptl_crystal.colour_lustre                ? 
_exptl_crystal.colour_modifier              ? 
_exptl_crystal.colour_primary               ? 
_exptl_crystal.density_meas                 ? 
_exptl_crystal.density_meas_esd             ? 
_exptl_crystal.density_meas_gt              ? 
_exptl_crystal.density_meas_lt              ? 
_exptl_crystal.density_meas_temp            ? 
_exptl_crystal.density_meas_temp_esd        ? 
_exptl_crystal.density_meas_temp_gt         ? 
_exptl_crystal.density_meas_temp_lt         ? 
_exptl_crystal.pdbx_crystal_image_url       ? 
_exptl_crystal.pdbx_crystal_image_format    ? 
_exptl_crystal.pdbx_mosaicity               ? 
_exptl_crystal.pdbx_mosaicity_esd           ? 
_exptl_crystal.pdbx_mosaic_method           ? 
_exptl_crystal.pdbx_mosaic_block_size       ? 
_exptl_crystal.pdbx_mosaic_block_size_esd   ? 
# 
_exptl_crystal_grow.apparatus       ? 
_exptl_crystal_grow.atmosphere      ? 
_exptl_crystal_grow.crystal_id      1 
_exptl_crystal_grow.details         ? 
_exptl_crystal_grow.method          'VAPOR DIFFUSION, SITTING DROP' 
_exptl_crystal_grow.method_ref      ? 
_exptl_crystal_grow.pH              6.0 
_exptl_crystal_grow.pressure        ? 
_exptl_crystal_grow.pressure_esd    ? 
_exptl_crystal_grow.seeding         ? 
_exptl_crystal_grow.seeding_ref     ? 
_exptl_crystal_grow.temp_details    ? 
_exptl_crystal_grow.temp_esd        ? 
_exptl_crystal_grow.time            ? 
_exptl_crystal_grow.pdbx_details    
'10 % v/v PEG 400, 0.05 M MES pH 6, 0.1 M Potassium chloride and 2 mM Magnesium chloride hexahydrate' 
_exptl_crystal_grow.pdbx_pH_range   ? 
_exptl_crystal_grow.temp            293 
# 
_diffrn.ambient_environment              ? 
_diffrn.ambient_temp                     100 
_diffrn.ambient_temp_details             ? 
_diffrn.ambient_temp_esd                 ? 
_diffrn.crystal_id                       1 
_diffrn.crystal_support                  ? 
_diffrn.crystal_treatment                ? 
_diffrn.details                          ? 
_diffrn.id                               1 
_diffrn.ambient_pressure                 ? 
_diffrn.ambient_pressure_esd             ? 
_diffrn.ambient_pressure_gt              ? 
_diffrn.ambient_pressure_lt              ? 
_diffrn.ambient_temp_gt                  ? 
_diffrn.ambient_temp_lt                  ? 
_diffrn.pdbx_serial_crystal_experiment   N 
# 
_diffrn_detector.details                      ? 
_diffrn_detector.detector                     PIXEL 
_diffrn_detector.diffrn_id                    1 
_diffrn_detector.type                         'DECTRIS EIGER2 S 4M' 
_diffrn_detector.area_resol_mean              ? 
_diffrn_detector.dtime                        ? 
_diffrn_detector.pdbx_frames_total            ? 
_diffrn_detector.pdbx_collection_time_total   ? 
_diffrn_detector.pdbx_collection_date         2024-06-05 
_diffrn_detector.pdbx_frequency               ? 
_diffrn_detector.id                           ? 
_diffrn_detector.number_of_axes               ? 
# 
_diffrn_radiation.collimation                      ? 
_diffrn_radiation.diffrn_id                        1 
_diffrn_radiation.filter_edge                      ? 
_diffrn_radiation.inhomogeneity                    ? 
_diffrn_radiation.monochromator                    ? 
_diffrn_radiation.polarisn_norm                    ? 
_diffrn_radiation.polarisn_ratio                   ? 
_diffrn_radiation.probe                            ? 
_diffrn_radiation.type                             ? 
_diffrn_radiation.xray_symbol                      ? 
_diffrn_radiation.wavelength_id                    1 
_diffrn_radiation.pdbx_monochromatic_or_laue_m_l   ? 
_diffrn_radiation.pdbx_wavelength_list             ? 
_diffrn_radiation.pdbx_wavelength                  ? 
_diffrn_radiation.pdbx_diffrn_protocol             'SINGLE WAVELENGTH' 
_diffrn_radiation.pdbx_analyzer                    ? 
_diffrn_radiation.pdbx_scattering_type             x-ray 
# 
_diffrn_radiation_wavelength.id           1 
_diffrn_radiation_wavelength.wavelength   1.00005 
_diffrn_radiation_wavelength.wt           1.0 
# 
_diffrn_source.current                     ? 
_diffrn_source.details                     ? 
_diffrn_source.diffrn_id                   1 
_diffrn_source.power                       ? 
_diffrn_source.size                        ? 
_diffrn_source.source                      SYNCHROTRON 
_diffrn_source.target                      ? 
_diffrn_source.type                        'ALS BEAMLINE 8.2.1' 
_diffrn_source.voltage                     ? 
_diffrn_source.take-off_angle              ? 
_diffrn_source.pdbx_wavelength_list        1.00005 
_diffrn_source.pdbx_wavelength             ? 
_diffrn_source.pdbx_synchrotron_beamline   8.2.1 
_diffrn_source.pdbx_synchrotron_site       ALS 
# 
_reflns.B_iso_Wilson_estimate                          87.47 
_reflns.entry_id                                       9DEA 
_reflns.data_reduction_details                         ? 
_reflns.data_reduction_method                          ? 
_reflns.d_resolution_high                              2.87 
_reflns.d_resolution_low                               36.32 
_reflns.details                                        ? 
_reflns.limit_h_max                                    ? 
_reflns.limit_h_min                                    ? 
_reflns.limit_k_max                                    ? 
_reflns.limit_k_min                                    ? 
_reflns.limit_l_max                                    ? 
_reflns.limit_l_min                                    ? 
_reflns.number_all                                     ? 
_reflns.number_obs                                     1542 
_reflns.observed_criterion                             ? 
_reflns.observed_criterion_F_max                       ? 
_reflns.observed_criterion_F_min                       ? 
_reflns.observed_criterion_I_max                       ? 
_reflns.observed_criterion_I_min                       ? 
_reflns.observed_criterion_sigma_F                     ? 
_reflns.observed_criterion_sigma_I                     ? 
_reflns.percent_possible_obs                           100 
_reflns.R_free_details                                 ? 
_reflns.Rmerge_F_all                                   ? 
_reflns.Rmerge_F_obs                                   ? 
_reflns.Friedel_coverage                               ? 
_reflns.number_gt                                      ? 
_reflns.threshold_expression                           ? 
_reflns.pdbx_redundancy                                38 
_reflns.pdbx_netI_over_av_sigmaI                       ? 
_reflns.pdbx_netI_over_sigmaI                          19.8 
_reflns.pdbx_res_netI_over_av_sigmaI_2                 ? 
_reflns.pdbx_res_netI_over_sigmaI_2                    ? 
_reflns.pdbx_chi_squared                               ? 
_reflns.pdbx_scaling_rejects                           ? 
_reflns.pdbx_d_res_high_opt                            ? 
_reflns.pdbx_d_res_low_opt                             ? 
_reflns.pdbx_d_res_opt_method                          ? 
_reflns.phase_calculation_details                      ? 
_reflns.pdbx_Rrim_I_all                                ? 
_reflns.pdbx_Rpim_I_all                                0.029 
_reflns.pdbx_d_opt                                     ? 
_reflns.pdbx_number_measured_all                       ? 
_reflns.pdbx_diffrn_id                                 1 
_reflns.pdbx_ordinal                                   1 
_reflns.pdbx_CC_half                                   0.999 
_reflns.pdbx_CC_star                                   ? 
_reflns.pdbx_R_split                                   ? 
_reflns.pdbx_Rmerge_I_obs                              0.172 
_reflns.pdbx_Rmerge_I_all                              ? 
_reflns.pdbx_Rsym_value                                ? 
_reflns.pdbx_CC_split_method                           ? 
_reflns.pdbx_aniso_diffraction_limit_axis_1_ortho[1]   ? 
_reflns.pdbx_aniso_diffraction_limit_axis_1_ortho[2]   ? 
_reflns.pdbx_aniso_diffraction_limit_axis_1_ortho[3]   ? 
_reflns.pdbx_aniso_diffraction_limit_axis_2_ortho[1]   ? 
_reflns.pdbx_aniso_diffraction_limit_axis_2_ortho[2]   ? 
_reflns.pdbx_aniso_diffraction_limit_axis_2_ortho[3]   ? 
_reflns.pdbx_aniso_diffraction_limit_axis_3_ortho[1]   ? 
_reflns.pdbx_aniso_diffraction_limit_axis_3_ortho[2]   ? 
_reflns.pdbx_aniso_diffraction_limit_axis_3_ortho[3]   ? 
_reflns.pdbx_aniso_diffraction_limit_1                 ? 
_reflns.pdbx_aniso_diffraction_limit_2                 ? 
_reflns.pdbx_aniso_diffraction_limit_3                 ? 
_reflns.pdbx_aniso_B_tensor_eigenvector_1_ortho[1]     ? 
_reflns.pdbx_aniso_B_tensor_eigenvector_1_ortho[2]     ? 
_reflns.pdbx_aniso_B_tensor_eigenvector_1_ortho[3]     ? 
_reflns.pdbx_aniso_B_tensor_eigenvector_2_ortho[1]     ? 
_reflns.pdbx_aniso_B_tensor_eigenvector_2_ortho[2]     ? 
_reflns.pdbx_aniso_B_tensor_eigenvector_2_ortho[3]     ? 
_reflns.pdbx_aniso_B_tensor_eigenvector_3_ortho[1]     ? 
_reflns.pdbx_aniso_B_tensor_eigenvector_3_ortho[2]     ? 
_reflns.pdbx_aniso_B_tensor_eigenvector_3_ortho[3]     ? 
_reflns.pdbx_aniso_B_tensor_eigenvalue_1               ? 
_reflns.pdbx_aniso_B_tensor_eigenvalue_2               ? 
_reflns.pdbx_aniso_B_tensor_eigenvalue_3               ? 
_reflns.pdbx_orthogonalization_convention              ? 
_reflns.pdbx_percent_possible_ellipsoidal              ? 
_reflns.pdbx_percent_possible_spherical                ? 
_reflns.pdbx_percent_possible_ellipsoidal_anomalous    ? 
_reflns.pdbx_percent_possible_spherical_anomalous      ? 
_reflns.pdbx_redundancy_anomalous                      ? 
_reflns.pdbx_CC_half_anomalous                         ? 
_reflns.pdbx_absDiff_over_sigma_anomalous              ? 
_reflns.pdbx_percent_possible_anomalous                ? 
_reflns.pdbx_observed_signal_threshold                 ? 
_reflns.pdbx_signal_type                               ? 
_reflns.pdbx_signal_details                            ? 
_reflns.pdbx_signal_software_id                        ? 
# 
_reflns_shell.d_res_high                                    2.87 
_reflns_shell.d_res_low                                     3.10 
_reflns_shell.meanI_over_sigI_all                           ? 
_reflns_shell.meanI_over_sigI_obs                           2.8 
_reflns_shell.number_measured_all                           ? 
_reflns_shell.number_measured_obs                           ? 
_reflns_shell.number_possible                               ? 
_reflns_shell.number_unique_all                             ? 
_reflns_shell.number_unique_obs                             305 
_reflns_shell.percent_possible_obs                          ? 
_reflns_shell.Rmerge_F_all                                  ? 
_reflns_shell.Rmerge_F_obs                                  ? 
_reflns_shell.meanI_over_sigI_gt                            ? 
_reflns_shell.meanI_over_uI_all                             ? 
_reflns_shell.meanI_over_uI_gt                              ? 
_reflns_shell.number_measured_gt                            ? 
_reflns_shell.number_unique_gt                              ? 
_reflns_shell.percent_possible_gt                           ? 
_reflns_shell.Rmerge_F_gt                                   ? 
_reflns_shell.Rmerge_I_gt                                   ? 
_reflns_shell.pdbx_redundancy                               38 
_reflns_shell.pdbx_chi_squared                              ? 
_reflns_shell.pdbx_netI_over_sigmaI_all                     ? 
_reflns_shell.pdbx_netI_over_sigmaI_obs                     ? 
_reflns_shell.pdbx_Rrim_I_all                               ? 
_reflns_shell.pdbx_Rpim_I_all                               0.302 
_reflns_shell.pdbx_rejects                                  ? 
_reflns_shell.pdbx_ordinal                                  1 
_reflns_shell.pdbx_diffrn_id                                1 
_reflns_shell.pdbx_CC_half                                  0.810 
_reflns_shell.pdbx_CC_star                                  ? 
_reflns_shell.pdbx_R_split                                  ? 
_reflns_shell.percent_possible_all                          100 
_reflns_shell.Rmerge_I_all                                  ? 
_reflns_shell.Rmerge_I_obs                                  1.826 
_reflns_shell.pdbx_Rsym_value                               ? 
_reflns_shell.pdbx_percent_possible_ellipsoidal             ? 
_reflns_shell.pdbx_percent_possible_spherical               ? 
_reflns_shell.pdbx_percent_possible_ellipsoidal_anomalous   ? 
_reflns_shell.pdbx_percent_possible_spherical_anomalous     ? 
_reflns_shell.pdbx_redundancy_anomalous                     ? 
_reflns_shell.pdbx_CC_half_anomalous                        ? 
_reflns_shell.pdbx_absDiff_over_sigma_anomalous             ? 
_reflns_shell.pdbx_percent_possible_anomalous               ? 
# 
_refine.aniso_B[1][1]                            ? 
_refine.aniso_B[1][2]                            ? 
_refine.aniso_B[1][3]                            ? 
_refine.aniso_B[2][2]                            ? 
_refine.aniso_B[2][3]                            ? 
_refine.aniso_B[3][3]                            ? 
_refine.B_iso_max                                ? 
_refine.B_iso_mean                               80.77 
_refine.B_iso_min                                ? 
_refine.correlation_coeff_Fo_to_Fc               ? 
_refine.correlation_coeff_Fo_to_Fc_free          ? 
_refine.details                                  ? 
_refine.diff_density_max                         ? 
_refine.diff_density_max_esd                     ? 
_refine.diff_density_min                         ? 
_refine.diff_density_min_esd                     ? 
_refine.diff_density_rms                         ? 
_refine.diff_density_rms_esd                     ? 
_refine.entry_id                                 9DEA 
_refine.pdbx_refine_id                           'X-RAY DIFFRACTION' 
_refine.ls_abs_structure_details                 ? 
_refine.ls_abs_structure_Flack                   ? 
_refine.ls_abs_structure_Flack_esd               ? 
_refine.ls_abs_structure_Rogers                  ? 
_refine.ls_abs_structure_Rogers_esd              ? 
_refine.ls_d_res_high                            2.87 
_refine.ls_d_res_low                             29.66 
_refine.ls_extinction_coef                       ? 
_refine.ls_extinction_coef_esd                   ? 
_refine.ls_extinction_expression                 ? 
_refine.ls_extinction_method                     ? 
_refine.ls_goodness_of_fit_all                   ? 
_refine.ls_goodness_of_fit_all_esd               ? 
_refine.ls_goodness_of_fit_obs                   ? 
_refine.ls_goodness_of_fit_obs_esd               ? 
_refine.ls_hydrogen_treatment                    ? 
_refine.ls_matrix_type                           ? 
_refine.ls_number_constraints                    ? 
_refine.ls_number_parameters                     ? 
_refine.ls_number_reflns_all                     ? 
_refine.ls_number_reflns_obs                     1539 
_refine.ls_number_reflns_R_free                  158 
_refine.ls_number_reflns_R_work                  1381 
_refine.ls_number_restraints                     ? 
_refine.ls_percent_reflns_obs                    99.87 
_refine.ls_percent_reflns_R_free                 10.27 
_refine.ls_R_factor_all                          ? 
_refine.ls_R_factor_obs                          0.2409 
_refine.ls_R_factor_R_free                       0.2722 
_refine.ls_R_factor_R_free_error                 ? 
_refine.ls_R_factor_R_free_error_details         ? 
_refine.ls_R_factor_R_work                       0.2376 
_refine.ls_R_Fsqd_factor_obs                     ? 
_refine.ls_R_I_factor_obs                        ? 
_refine.ls_redundancy_reflns_all                 ? 
_refine.ls_redundancy_reflns_obs                 ? 
_refine.ls_restrained_S_all                      ? 
_refine.ls_restrained_S_obs                      ? 
_refine.ls_shift_over_esd_max                    ? 
_refine.ls_shift_over_esd_mean                   ? 
_refine.ls_structure_factor_coef                 ? 
_refine.ls_weighting_details                     ? 
_refine.ls_weighting_scheme                      ? 
_refine.ls_wR_factor_all                         ? 
_refine.ls_wR_factor_obs                         ? 
_refine.ls_wR_factor_R_free                      ? 
_refine.ls_wR_factor_R_work                      ? 
_refine.occupancy_max                            ? 
_refine.occupancy_min                            ? 
_refine.solvent_model_details                    'FLAT BULK SOLVENT MODEL' 
_refine.solvent_model_param_bsol                 ? 
_refine.solvent_model_param_ksol                 ? 
_refine.pdbx_R_complete                          ? 
_refine.ls_R_factor_gt                           ? 
_refine.ls_goodness_of_fit_gt                    ? 
_refine.ls_goodness_of_fit_ref                   ? 
_refine.ls_shift_over_su_max                     ? 
_refine.ls_shift_over_su_max_lt                  ? 
_refine.ls_shift_over_su_mean                    ? 
_refine.ls_shift_over_su_mean_lt                 ? 
_refine.pdbx_ls_sigma_I                          ? 
_refine.pdbx_ls_sigma_F                          1.35 
_refine.pdbx_ls_sigma_Fsqd                       ? 
_refine.pdbx_data_cutoff_high_absF               ? 
_refine.pdbx_data_cutoff_high_rms_absF           ? 
_refine.pdbx_data_cutoff_low_absF                ? 
_refine.pdbx_isotropic_thermal_model             ? 
_refine.pdbx_ls_cross_valid_method               'FREE R-VALUE' 
_refine.pdbx_method_to_determine_struct          'MOLECULAR REPLACEMENT' 
_refine.pdbx_starting_model                      ? 
_refine.pdbx_stereochemistry_target_values       'GeoStd + Monomer Library + CDL v1.2' 
_refine.pdbx_R_Free_selection_details            ? 
_refine.pdbx_stereochem_target_val_spec_case     ? 
_refine.pdbx_overall_ESU_R                       ? 
_refine.pdbx_overall_ESU_R_Free                  ? 
_refine.pdbx_solvent_vdw_probe_radii             1.1000 
_refine.pdbx_solvent_ion_probe_radii             ? 
_refine.pdbx_solvent_shrinkage_radii             0.9000 
_refine.pdbx_real_space_R                        ? 
_refine.pdbx_density_correlation                 ? 
_refine.pdbx_pd_number_of_powder_patterns        ? 
_refine.pdbx_pd_number_of_points                 ? 
_refine.pdbx_pd_meas_number_of_points            ? 
_refine.pdbx_pd_proc_ls_prof_R_factor            ? 
_refine.pdbx_pd_proc_ls_prof_wR_factor           ? 
_refine.pdbx_pd_Marquardt_correlation_coeff      ? 
_refine.pdbx_pd_Fsqrd_R_factor                   ? 
_refine.pdbx_pd_ls_matrix_band_width             ? 
_refine.pdbx_overall_phase_error                 31.2994 
_refine.pdbx_overall_SU_R_free_Cruickshank_DPI   ? 
_refine.pdbx_overall_SU_R_free_Blow_DPI          ? 
_refine.pdbx_overall_SU_R_Blow_DPI               ? 
_refine.pdbx_TLS_residual_ADP_flag               ? 
_refine.pdbx_diffrn_id                           1 
_refine.overall_SU_B                             ? 
_refine.overall_SU_ML                            0.1604 
_refine.overall_SU_R_Cruickshank_DPI             ? 
_refine.overall_SU_R_free                        ? 
_refine.overall_FOM_free_R_set                   ? 
_refine.overall_FOM_work_R_set                   ? 
_refine.pdbx_average_fsc_overall                 ? 
_refine.pdbx_average_fsc_work                    ? 
_refine.pdbx_average_fsc_free                    ? 
# 
_refine_hist.pdbx_refine_id                   'X-RAY DIFFRACTION' 
_refine_hist.cycle_id                         LAST 
_refine_hist.details                          ? 
_refine_hist.d_res_high                       2.87 
_refine_hist.d_res_low                        29.66 
_refine_hist.number_atoms_solvent             0 
_refine_hist.number_atoms_total               609 
_refine_hist.number_reflns_all                ? 
_refine_hist.number_reflns_obs                ? 
_refine_hist.number_reflns_R_free             ? 
_refine_hist.number_reflns_R_work             ? 
_refine_hist.R_factor_all                     ? 
_refine_hist.R_factor_obs                     ? 
_refine_hist.R_factor_R_free                  ? 
_refine_hist.R_factor_R_work                  ? 
_refine_hist.pdbx_number_residues_total       ? 
_refine_hist.pdbx_B_iso_mean_ligand           ? 
_refine_hist.pdbx_B_iso_mean_solvent          ? 
_refine_hist.pdbx_number_atoms_protein        609 
_refine_hist.pdbx_number_atoms_nucleic_acid   0 
_refine_hist.pdbx_number_atoms_ligand         0 
_refine_hist.pdbx_number_atoms_lipid          ? 
_refine_hist.pdbx_number_atoms_carb           ? 
_refine_hist.pdbx_pseudo_atom_details         ? 
# 
loop_
_refine_ls_restr.pdbx_refine_id 
_refine_ls_restr.criterion 
_refine_ls_restr.dev_ideal 
_refine_ls_restr.dev_ideal_target 
_refine_ls_restr.number 
_refine_ls_restr.rejects 
_refine_ls_restr.type 
_refine_ls_restr.weight 
_refine_ls_restr.pdbx_restraint_function 
'X-RAY DIFFRACTION' ? 0.0043  ? 613 ? f_bond_d           ? ? 
'X-RAY DIFFRACTION' ? 0.6849  ? 826 ? f_angle_d          ? ? 
'X-RAY DIFFRACTION' ? 0.0454  ? 107 ? f_chiral_restr     ? ? 
'X-RAY DIFFRACTION' ? 0.0043  ? 101 ? f_plane_restr      ? ? 
'X-RAY DIFFRACTION' ? 25.8375 ? 241 ? f_dihedral_angle_d ? ? 
# 
_refine_ls_shell.pdbx_refine_id                   'X-RAY DIFFRACTION' 
_refine_ls_shell.d_res_high                       2.87 
_refine_ls_shell.d_res_low                        3.0 
_refine_ls_shell.number_reflns_all                ? 
_refine_ls_shell.number_reflns_obs                ? 
_refine_ls_shell.number_reflns_R_free             158 
_refine_ls_shell.number_reflns_R_work             1381 
_refine_ls_shell.percent_reflns_obs               99.87 
_refine_ls_shell.percent_reflns_R_free            ? 
_refine_ls_shell.R_factor_all                     ? 
_refine_ls_shell.R_factor_obs                     ? 
_refine_ls_shell.R_factor_R_free_error            ? 
_refine_ls_shell.R_factor_R_work                  0.2376 
_refine_ls_shell.redundancy_reflns_all            ? 
_refine_ls_shell.redundancy_reflns_obs            ? 
_refine_ls_shell.wR_factor_all                    ? 
_refine_ls_shell.wR_factor_obs                    ? 
_refine_ls_shell.wR_factor_R_free                 ? 
_refine_ls_shell.wR_factor_R_work                 ? 
_refine_ls_shell.pdbx_R_complete                  ? 
_refine_ls_shell.pdbx_total_number_of_bins_used   ? 
_refine_ls_shell.pdbx_phase_error                 ? 
_refine_ls_shell.pdbx_fsc_work                    ? 
_refine_ls_shell.pdbx_fsc_free                    ? 
_refine_ls_shell.R_factor_R_free                  0.2722 
# 
_struct.entry_id                     9DEA 
_struct.title                        'Crystal Structure of C3-threaded' 
_struct.pdbx_model_details           ? 
_struct.pdbx_formula_weight          ? 
_struct.pdbx_formula_weight_method   ? 
_struct.pdbx_model_type_details      ? 
_struct.pdbx_CASP_flag               N 
# 
_struct_keywords.entry_id        9DEA 
_struct_keywords.text            'de novo protein, design model, barcoding, mass spec.' 
_struct_keywords.pdbx_keywords   'DE NOVO PROTEIN' 
# 
_struct_asym.id                            A 
_struct_asym.pdbx_blank_PDB_chainid_flag   N 
_struct_asym.pdbx_modified                 N 
_struct_asym.entity_id                     1 
_struct_asym.details                       ? 
# 
_struct_ref.id                         1 
_struct_ref.db_name                    PDB 
_struct_ref.db_code                    9DEA 
_struct_ref.pdbx_db_accession          9DEA 
_struct_ref.pdbx_db_isoform            ? 
_struct_ref.entity_id                  1 
_struct_ref.pdbx_seq_one_letter_code   ? 
_struct_ref.pdbx_align_begin           1 
# 
_struct_ref_seq.align_id                      1 
_struct_ref_seq.ref_id                        1 
_struct_ref_seq.pdbx_PDB_id_code              9DEA 
_struct_ref_seq.pdbx_strand_id                A 
_struct_ref_seq.seq_align_beg                 1 
_struct_ref_seq.pdbx_seq_align_beg_ins_code   ? 
_struct_ref_seq.seq_align_end                 80 
_struct_ref_seq.pdbx_seq_align_end_ins_code   ? 
_struct_ref_seq.pdbx_db_accession             9DEA 
_struct_ref_seq.db_align_beg                  1 
_struct_ref_seq.pdbx_db_align_beg_ins_code    ? 
_struct_ref_seq.db_align_end                  80 
_struct_ref_seq.pdbx_db_align_end_ins_code    ? 
_struct_ref_seq.pdbx_auth_seq_align_beg       1 
_struct_ref_seq.pdbx_auth_seq_align_end       80 
# 
_pdbx_struct_assembly.id                   1 
_pdbx_struct_assembly.details              author_defined_assembly 
_pdbx_struct_assembly.method_details       ? 
_pdbx_struct_assembly.oligomeric_details   monomeric 
_pdbx_struct_assembly.oligomeric_count     1 
# 
_pdbx_struct_assembly_gen.assembly_id       1 
_pdbx_struct_assembly_gen.oper_expression   1 
_pdbx_struct_assembly_gen.asym_id_list      A 
# 
_pdbx_struct_assembly_auth_evidence.id                     1 
_pdbx_struct_assembly_auth_evidence.assembly_id            1 
_pdbx_struct_assembly_auth_evidence.experimental_support   none 
_pdbx_struct_assembly_auth_evidence.details                ? 
# 
_pdbx_struct_oper_list.id                   1 
_pdbx_struct_oper_list.type                 'identity operation' 
_pdbx_struct_oper_list.name                 1_555 
_pdbx_struct_oper_list.symmetry_operation   x,y,z 
_pdbx_struct_oper_list.matrix[1][1]         1.0000000000 
_pdbx_struct_oper_list.matrix[1][2]         0.0000000000 
_pdbx_struct_oper_list.matrix[1][3]         0.0000000000 
_pdbx_struct_oper_list.vector[1]            0.0000000000 
_pdbx_struct_oper_list.matrix[2][1]         0.0000000000 
_pdbx_struct_oper_list.matrix[2][2]         1.0000000000 
_pdbx_struct_oper_list.matrix[2][3]         0.0000000000 
_pdbx_struct_oper_list.vector[2]            0.0000000000 
_pdbx_struct_oper_list.matrix[3][1]         0.0000000000 
_pdbx_struct_oper_list.matrix[3][2]         0.0000000000 
_pdbx_struct_oper_list.matrix[3][3]         1.0000000000 
_pdbx_struct_oper_list.vector[3]            0.0000000000 
# 
loop_
_struct_conf.conf_type_id 
_struct_conf.id 
_struct_conf.pdbx_PDB_helix_id 
_struct_conf.beg_label_comp_id 
_struct_conf.beg_label_asym_id 
_struct_conf.beg_label_seq_id 
_struct_conf.pdbx_beg_PDB_ins_code 
_struct_conf.end_label_comp_id 
_struct_conf.end_label_asym_id 
_struct_conf.end_label_seq_id 
_struct_conf.pdbx_end_PDB_ins_code 
_struct_conf.beg_auth_comp_id 
_struct_conf.beg_auth_asym_id 
_struct_conf.beg_auth_seq_id 
_struct_conf.end_auth_comp_id 
_struct_conf.end_auth_asym_id 
_struct_conf.end_auth_seq_id 
_struct_conf.pdbx_PDB_helix_class 
_struct_conf.details 
_struct_conf.pdbx_PDB_helix_length 
HELX_P HELX_P1 AA1 ALA A 2  ? LEU A 15 ? ALA A 2  LEU A 15 1 ? 14 
HELX_P HELX_P2 AA2 ASP A 18 ? PHE A 29 ? ASP A 18 PHE A 29 1 ? 12 
HELX_P HELX_P3 AA3 TYR A 32 ? GLN A 43 ? TYR A 32 GLN A 43 1 ? 12 
HELX_P HELX_P4 AA4 ASP A 46 ? LYS A 59 ? ASP A 46 LYS A 59 1 ? 14 
HELX_P HELX_P5 AA5 VAL A 60 ? LEU A 61 ? VAL A 60 LEU A 61 5 ? 2  
HELX_P HELX_P6 AA6 THR A 62 ? GLU A 64 ? THR A 62 GLU A 64 5 ? 3  
HELX_P HELX_P7 AA7 ASN A 65 ? GLU A 78 ? ASN A 65 GLU A 78 1 ? 14 
# 
_struct_conf_type.id          HELX_P 
_struct_conf_type.criteria    ? 
_struct_conf_type.reference   ? 
# 
_pdbx_entry_details.entry_id                   9DEA 
_pdbx_entry_details.compound_details           ? 
_pdbx_entry_details.source_details             ? 
_pdbx_entry_details.nonpolymer_details         ? 
_pdbx_entry_details.sequence_details           ? 
_pdbx_entry_details.has_ligand_of_interest     ? 
_pdbx_entry_details.has_protein_modification   N 
# 
loop_
_pdbx_validate_torsion.id 
_pdbx_validate_torsion.PDB_model_num 
_pdbx_validate_torsion.auth_comp_id 
_pdbx_validate_torsion.auth_asym_id 
_pdbx_validate_torsion.auth_seq_id 
_pdbx_validate_torsion.PDB_ins_code 
_pdbx_validate_torsion.label_alt_id 
_pdbx_validate_torsion.phi 
_pdbx_validate_torsion.psi 
1 1 ASP A 16 ? ? -103.83 56.77  
2 1 LYS A 79 ? ? -130.99 -43.40 
# 
loop_
_space_group_symop.id 
_space_group_symop.operation_xyz 
1  x,y,z               
2  z,x,y               
3  y,z,x               
4  -y,-z,x             
5  z,-x,-y             
6  -y,z,-x             
7  -z,-x,y             
8  -z,x,-y             
9  y,-z,-x             
10 x,-y,-z             
11 -x,y,-z             
12 -x,-y,z             
13 x+1/2,y+1/2,z+1/2   
14 z+1/2,x+1/2,y+1/2   
15 y+1/2,z+1/2,x+1/2   
16 -y+1/2,-z+1/2,x+1/2 
17 z+1/2,-x+1/2,-y+1/2 
18 -y+1/2,z+1/2,-x+1/2 
19 -z+1/2,-x+1/2,y+1/2 
20 -z+1/2,x+1/2,-y+1/2 
21 y+1/2,-z+1/2,-x+1/2 
22 x+1/2,-y+1/2,-z+1/2 
23 -x+1/2,y+1/2,-z+1/2 
24 -x+1/2,-y+1/2,z+1/2 
# 
_pdbx_unobs_or_zero_occ_residues.id               1 
_pdbx_unobs_or_zero_occ_residues.PDB_model_num    1 
_pdbx_unobs_or_zero_occ_residues.polymer_flag     Y 
_pdbx_unobs_or_zero_occ_residues.occupancy_flag   1 
_pdbx_unobs_or_zero_occ_residues.auth_asym_id     A 
_pdbx_unobs_or_zero_occ_residues.auth_comp_id     SER 
_pdbx_unobs_or_zero_occ_residues.auth_seq_id      1 
_pdbx_unobs_or_zero_occ_residues.PDB_ins_code     ? 
_pdbx_unobs_or_zero_occ_residues.label_asym_id    A 
_pdbx_unobs_or_zero_occ_residues.label_comp_id    SER 
_pdbx_unobs_or_zero_occ_residues.label_seq_id     1 
# 
loop_
_chem_comp_atom.comp_id 
_chem_comp_atom.atom_id 
_chem_comp_atom.type_symbol 
_chem_comp_atom.pdbx_aromatic_flag 
_chem_comp_atom.pdbx_stereo_config 
_chem_comp_atom.pdbx_ordinal 
ALA N    N N N 1   
ALA CA   C N S 2   
ALA C    C N N 3   
ALA O    O N N 4   
ALA CB   C N N 5   
ALA OXT  O N N 6   
ALA H    H N N 7   
ALA H2   H N N 8   
ALA HA   H N N 9   
ALA HB1  H N N 10  
ALA HB2  H N N 11  
ALA HB3  H N N 12  
ALA HXT  H N N 13  
ARG N    N N N 14  
ARG CA   C N S 15  
ARG C    C N N 16  
ARG O    O N N 17  
ARG CB   C N N 18  
ARG CG   C N N 19  
ARG CD   C N N 20  
ARG NE   N N N 21  
ARG CZ   C N N 22  
ARG NH1  N N N 23  
ARG NH2  N N N 24  
ARG OXT  O N N 25  
ARG H    H N N 26  
ARG H2   H N N 27  
ARG HA   H N N 28  
ARG HB2  H N N 29  
ARG HB3  H N N 30  
ARG HG2  H N N 31  
ARG HG3  H N N 32  
ARG HD2  H N N 33  
ARG HD3  H N N 34  
ARG HE   H N N 35  
ARG HH11 H N N 36  
ARG HH12 H N N 37  
ARG HH21 H N N 38  
ARG HH22 H N N 39  
ARG HXT  H N N 40  
ASN N    N N N 41  
ASN CA   C N S 42  
ASN C    C N N 43  
ASN O    O N N 44  
ASN CB   C N N 45  
ASN CG   C N N 46  
ASN OD1  O N N 47  
ASN ND2  N N N 48  
ASN OXT  O N N 49  
ASN H    H N N 50  
ASN H2   H N N 51  
ASN HA   H N N 52  
ASN HB2  H N N 53  
ASN HB3  H N N 54  
ASN HD21 H N N 55  
ASN HD22 H N N 56  
ASN HXT  H N N 57  
ASP N    N N N 58  
ASP CA   C N S 59  
ASP C    C N N 60  
ASP O    O N N 61  
ASP CB   C N N 62  
ASP CG   C N N 63  
ASP OD1  O N N 64  
ASP OD2  O N N 65  
ASP OXT  O N N 66  
ASP H    H N N 67  
ASP H2   H N N 68  
ASP HA   H N N 69  
ASP HB2  H N N 70  
ASP HB3  H N N 71  
ASP HD2  H N N 72  
ASP HXT  H N N 73  
CYS N    N N N 74  
CYS CA   C N R 75  
CYS C    C N N 76  
CYS O    O N N 77  
CYS CB   C N N 78  
CYS SG   S N N 79  
CYS OXT  O N N 80  
CYS H    H N N 81  
CYS H2   H N N 82  
CYS HA   H N N 83  
CYS HB2  H N N 84  
CYS HB3  H N N 85  
CYS HG   H N N 86  
CYS HXT  H N N 87  
GLN N    N N N 88  
GLN CA   C N S 89  
GLN C    C N N 90  
GLN O    O N N 91  
GLN CB   C N N 92  
GLN CG   C N N 93  
GLN CD   C N N 94  
GLN OE1  O N N 95  
GLN NE2  N N N 96  
GLN OXT  O N N 97  
GLN H    H N N 98  
GLN H2   H N N 99  
GLN HA   H N N 100 
GLN HB2  H N N 101 
GLN HB3  H N N 102 
GLN HG2  H N N 103 
GLN HG3  H N N 104 
GLN HE21 H N N 105 
GLN HE22 H N N 106 
GLN HXT  H N N 107 
GLU N    N N N 108 
GLU CA   C N S 109 
GLU C    C N N 110 
GLU O    O N N 111 
GLU CB   C N N 112 
GLU CG   C N N 113 
GLU CD   C N N 114 
GLU OE1  O N N 115 
GLU OE2  O N N 116 
GLU OXT  O N N 117 
GLU H    H N N 118 
GLU H2   H N N 119 
GLU HA   H N N 120 
GLU HB2  H N N 121 
GLU HB3  H N N 122 
GLU HG2  H N N 123 
GLU HG3  H N N 124 
GLU HE2  H N N 125 
GLU HXT  H N N 126 
GLY N    N N N 127 
GLY CA   C N N 128 
GLY C    C N N 129 
GLY O    O N N 130 
GLY OXT  O N N 131 
GLY H    H N N 132 
GLY H2   H N N 133 
GLY HA2  H N N 134 
GLY HA3  H N N 135 
GLY HXT  H N N 136 
ILE N    N N N 137 
ILE CA   C N S 138 
ILE C    C N N 139 
ILE O    O N N 140 
ILE CB   C N S 141 
ILE CG1  C N N 142 
ILE CG2  C N N 143 
ILE CD1  C N N 144 
ILE OXT  O N N 145 
ILE H    H N N 146 
ILE H2   H N N 147 
ILE HA   H N N 148 
ILE HB   H N N 149 
ILE HG12 H N N 150 
ILE HG13 H N N 151 
ILE HG21 H N N 152 
ILE HG22 H N N 153 
ILE HG23 H N N 154 
ILE HD11 H N N 155 
ILE HD12 H N N 156 
ILE HD13 H N N 157 
ILE HXT  H N N 158 
LEU N    N N N 159 
LEU CA   C N S 160 
LEU C    C N N 161 
LEU O    O N N 162 
LEU CB   C N N 163 
LEU CG   C N N 164 
LEU CD1  C N N 165 
LEU CD2  C N N 166 
LEU OXT  O N N 167 
LEU H    H N N 168 
LEU H2   H N N 169 
LEU HA   H N N 170 
LEU HB2  H N N 171 
LEU HB3  H N N 172 
LEU HG   H N N 173 
LEU HD11 H N N 174 
LEU HD12 H N N 175 
LEU HD13 H N N 176 
LEU HD21 H N N 177 
LEU HD22 H N N 178 
LEU HD23 H N N 179 
LEU HXT  H N N 180 
LYS N    N N N 181 
LYS CA   C N S 182 
LYS C    C N N 183 
LYS O    O N N 184 
LYS CB   C N N 185 
LYS CG   C N N 186 
LYS CD   C N N 187 
LYS CE   C N N 188 
LYS NZ   N N N 189 
LYS OXT  O N N 190 
LYS H    H N N 191 
LYS H2   H N N 192 
LYS HA   H N N 193 
LYS HB2  H N N 194 
LYS HB3  H N N 195 
LYS HG2  H N N 196 
LYS HG3  H N N 197 
LYS HD2  H N N 198 
LYS HD3  H N N 199 
LYS HE2  H N N 200 
LYS HE3  H N N 201 
LYS HZ1  H N N 202 
LYS HZ2  H N N 203 
LYS HZ3  H N N 204 
LYS HXT  H N N 205 
PHE N    N N N 206 
PHE CA   C N S 207 
PHE C    C N N 208 
PHE O    O N N 209 
PHE CB   C N N 210 
PHE CG   C Y N 211 
PHE CD1  C Y N 212 
PHE CD2  C Y N 213 
PHE CE1  C Y N 214 
PHE CE2  C Y N 215 
PHE CZ   C Y N 216 
PHE OXT  O N N 217 
PHE H    H N N 218 
PHE H2   H N N 219 
PHE HA   H N N 220 
PHE HB2  H N N 221 
PHE HB3  H N N 222 
PHE HD1  H N N 223 
PHE HD2  H N N 224 
PHE HE1  H N N 225 
PHE HE2  H N N 226 
PHE HZ   H N N 227 
PHE HXT  H N N 228 
PRO N    N N N 229 
PRO CA   C N S 230 
PRO C    C N N 231 
PRO O    O N N 232 
PRO CB   C N N 233 
PRO CG   C N N 234 
PRO CD   C N N 235 
PRO OXT  O N N 236 
PRO H    H N N 237 
PRO HA   H N N 238 
PRO HB2  H N N 239 
PRO HB3  H N N 240 
PRO HG2  H N N 241 
PRO HG3  H N N 242 
PRO HD2  H N N 243 
PRO HD3  H N N 244 
PRO HXT  H N N 245 
SER N    N N N 246 
SER CA   C N S 247 
SER C    C N N 248 
SER O    O N N 249 
SER CB   C N N 250 
SER OG   O N N 251 
SER OXT  O N N 252 
SER H    H N N 253 
SER H2   H N N 254 
SER HA   H N N 255 
SER HB2  H N N 256 
SER HB3  H N N 257 
SER HG   H N N 258 
SER HXT  H N N 259 
THR N    N N N 260 
THR CA   C N S 261 
THR C    C N N 262 
THR O    O N N 263 
THR CB   C N R 264 
THR OG1  O N N 265 
THR CG2  C N N 266 
THR OXT  O N N 267 
THR H    H N N 268 
THR H2   H N N 269 
THR HA   H N N 270 
THR HB   H N N 271 
THR HG1  H N N 272 
THR HG21 H N N 273 
THR HG22 H N N 274 
THR HG23 H N N 275 
THR HXT  H N N 276 
TYR N    N N N 277 
TYR CA   C N S 278 
TYR C    C N N 279 
TYR O    O N N 280 
TYR CB   C N N 281 
TYR CG   C Y N 282 
TYR CD1  C Y N 283 
TYR CD2  C Y N 284 
TYR CE1  C Y N 285 
TYR CE2  C Y N 286 
TYR CZ   C Y N 287 
TYR OH   O N N 288 
TYR OXT  O N N 289 
TYR H    H N N 290 
TYR H2   H N N 291 
TYR HA   H N N 292 
TYR HB2  H N N 293 
TYR HB3  H N N 294 
TYR HD1  H N N 295 
TYR HD2  H N N 296 
TYR HE1  H N N 297 
TYR HE2  H N N 298 
TYR HH   H N N 299 
TYR HXT  H N N 300 
VAL N    N N N 301 
VAL CA   C N S 302 
VAL C    C N N 303 
VAL O    O N N 304 
VAL CB   C N N 305 
VAL CG1  C N N 306 
VAL CG2  C N N 307 
VAL OXT  O N N 308 
VAL H    H N N 309 
VAL H2   H N N 310 
VAL HA   H N N 311 
VAL HB   H N N 312 
VAL HG11 H N N 313 
VAL HG12 H N N 314 
VAL HG13 H N N 315 
VAL HG21 H N N 316 
VAL HG22 H N N 317 
VAL HG23 H N N 318 
VAL HXT  H N N 319 
# 
loop_
_chem_comp_bond.comp_id 
_chem_comp_bond.atom_id_1 
_chem_comp_bond.atom_id_2 
_chem_comp_bond.value_order 
_chem_comp_bond.pdbx_aromatic_flag 
_chem_comp_bond.pdbx_stereo_config 
_chem_comp_bond.pdbx_ordinal 
ALA N   CA   sing N N 1   
ALA N   H    sing N N 2   
ALA N   H2   sing N N 3   
ALA CA  C    sing N N 4   
ALA CA  CB   sing N N 5   
ALA CA  HA   sing N N 6   
ALA C   O    doub N N 7   
ALA C   OXT  sing N N 8   
ALA CB  HB1  sing N N 9   
ALA CB  HB2  sing N N 10  
ALA CB  HB3  sing N N 11  
ALA OXT HXT  sing N N 12  
ARG N   CA   sing N N 13  
ARG N   H    sing N N 14  
ARG N   H2   sing N N 15  
ARG CA  C    sing N N 16  
ARG CA  CB   sing N N 17  
ARG CA  HA   sing N N 18  
ARG C   O    doub N N 19  
ARG C   OXT  sing N N 20  
ARG CB  CG   sing N N 21  
ARG CB  HB2  sing N N 22  
ARG CB  HB3  sing N N 23  
ARG CG  CD   sing N N 24  
ARG CG  HG2  sing N N 25  
ARG CG  HG3  sing N N 26  
ARG CD  NE   sing N N 27  
ARG CD  HD2  sing N N 28  
ARG CD  HD3  sing N N 29  
ARG NE  CZ   sing N N 30  
ARG NE  HE   sing N N 31  
ARG CZ  NH1  sing N N 32  
ARG CZ  NH2  doub N N 33  
ARG NH1 HH11 sing N N 34  
ARG NH1 HH12 sing N N 35  
ARG NH2 HH21 sing N N 36  
ARG NH2 HH22 sing N N 37  
ARG OXT HXT  sing N N 38  
ASN N   CA   sing N N 39  
ASN N   H    sing N N 40  
ASN N   H2   sing N N 41  
ASN CA  C    sing N N 42  
ASN CA  CB   sing N N 43  
ASN CA  HA   sing N N 44  
ASN C   O    doub N N 45  
ASN C   OXT  sing N N 46  
ASN CB  CG   sing N N 47  
ASN CB  HB2  sing N N 48  
ASN CB  HB3  sing N N 49  
ASN CG  OD1  doub N N 50  
ASN CG  ND2  sing N N 51  
ASN ND2 HD21 sing N N 52  
ASN ND2 HD22 sing N N 53  
ASN OXT HXT  sing N N 54  
ASP N   CA   sing N N 55  
ASP N   H    sing N N 56  
ASP N   H2   sing N N 57  
ASP CA  C    sing N N 58  
ASP CA  CB   sing N N 59  
ASP CA  HA   sing N N 60  
ASP C   O    doub N N 61  
ASP C   OXT  sing N N 62  
ASP CB  CG   sing N N 63  
ASP CB  HB2  sing N N 64  
ASP CB  HB3  sing N N 65  
ASP CG  OD1  doub N N 66  
ASP CG  OD2  sing N N 67  
ASP OD2 HD2  sing N N 68  
ASP OXT HXT  sing N N 69  
CYS N   CA   sing N N 70  
CYS N   H    sing N N 71  
CYS N   H2   sing N N 72  
CYS CA  C    sing N N 73  
CYS CA  CB   sing N N 74  
CYS CA  HA   sing N N 75  
CYS C   O    doub N N 76  
CYS C   OXT  sing N N 77  
CYS CB  SG   sing N N 78  
CYS CB  HB2  sing N N 79  
CYS CB  HB3  sing N N 80  
CYS SG  HG   sing N N 81  
CYS OXT HXT  sing N N 82  
GLN N   CA   sing N N 83  
GLN N   H    sing N N 84  
GLN N   H2   sing N N 85  
GLN CA  C    sing N N 86  
GLN CA  CB   sing N N 87  
GLN CA  HA   sing N N 88  
GLN C   O    doub N N 89  
GLN C   OXT  sing N N 90  
GLN CB  CG   sing N N 91  
GLN CB  HB2  sing N N 92  
GLN CB  HB3  sing N N 93  
GLN CG  CD   sing N N 94  
GLN CG  HG2  sing N N 95  
GLN CG  HG3  sing N N 96  
GLN CD  OE1  doub N N 97  
GLN CD  NE2  sing N N 98  
GLN NE2 HE21 sing N N 99  
GLN NE2 HE22 sing N N 100 
GLN OXT HXT  sing N N 101 
GLU N   CA   sing N N 102 
GLU N   H    sing N N 103 
GLU N   H2   sing N N 104 
GLU CA  C    sing N N 105 
GLU CA  CB   sing N N 106 
GLU CA  HA   sing N N 107 
GLU C   O    doub N N 108 
GLU C   OXT  sing N N 109 
GLU CB  CG   sing N N 110 
GLU CB  HB2  sing N N 111 
GLU CB  HB3  sing N N 112 
GLU CG  CD   sing N N 113 
GLU CG  HG2  sing N N 114 
GLU CG  HG3  sing N N 115 
GLU CD  OE1  doub N N 116 
GLU CD  OE2  sing N N 117 
GLU OE2 HE2  sing N N 118 
GLU OXT HXT  sing N N 119 
GLY N   CA   sing N N 120 
GLY N   H    sing N N 121 
GLY N   H2   sing N N 122 
GLY CA  C    sing N N 123 
GLY CA  HA2  sing N N 124 
GLY CA  HA3  sing N N 125 
GLY C   O    doub N N 126 
GLY C   OXT  sing N N 127 
GLY OXT HXT  sing N N 128 
ILE N   CA   sing N N 129 
ILE N   H    sing N N 130 
ILE N   H2   sing N N 131 
ILE CA  C    sing N N 132 
ILE CA  CB   sing N N 133 
ILE CA  HA   sing N N 134 
ILE C   O    doub N N 135 
ILE C   OXT  sing N N 136 
ILE CB  CG1  sing N N 137 
ILE CB  CG2  sing N N 138 
ILE CB  HB   sing N N 139 
ILE CG1 CD1  sing N N 140 
ILE CG1 HG12 sing N N 141 
ILE CG1 HG13 sing N N 142 
ILE CG2 HG21 sing N N 143 
ILE CG2 HG22 sing N N 144 
ILE CG2 HG23 sing N N 145 
ILE CD1 HD11 sing N N 146 
ILE CD1 HD12 sing N N 147 
ILE CD1 HD13 sing N N 148 
ILE OXT HXT  sing N N 149 
LEU N   CA   sing N N 150 
LEU N   H    sing N N 151 
LEU N   H2   sing N N 152 
LEU CA  C    sing N N 153 
LEU CA  CB   sing N N 154 
LEU CA  HA   sing N N 155 
LEU C   O    doub N N 156 
LEU C   OXT  sing N N 157 
LEU CB  CG   sing N N 158 
LEU CB  HB2  sing N N 159 
LEU CB  HB3  sing N N 160 
LEU CG  CD1  sing N N 161 
LEU CG  CD2  sing N N 162 
LEU CG  HG   sing N N 163 
LEU CD1 HD11 sing N N 164 
LEU CD1 HD12 sing N N 165 
LEU CD1 HD13 sing N N 166 
LEU CD2 HD21 sing N N 167 
LEU CD2 HD22 sing N N 168 
LEU CD2 HD23 sing N N 169 
LEU OXT HXT  sing N N 170 
LYS N   CA   sing N N 171 
LYS N   H    sing N N 172 
LYS N   H2   sing N N 173 
LYS CA  C    sing N N 174 
LYS CA  CB   sing N N 175 
LYS CA  HA   sing N N 176 
LYS C   O    doub N N 177 
LYS C   OXT  sing N N 178 
LYS CB  CG   sing N N 179 
LYS CB  HB2  sing N N 180 
LYS CB  HB3  sing N N 181 
LYS CG  CD   sing N N 182 
LYS CG  HG2  sing N N 183 
LYS CG  HG3  sing N N 184 
LYS CD  CE   sing N N 185 
LYS CD  HD2  sing N N 186 
LYS CD  HD3  sing N N 187 
LYS CE  NZ   sing N N 188 
LYS CE  HE2  sing N N 189 
LYS CE  HE3  sing N N 190 
LYS NZ  HZ1  sing N N 191 
LYS NZ  HZ2  sing N N 192 
LYS NZ  HZ3  sing N N 193 
LYS OXT HXT  sing N N 194 
PHE N   CA   sing N N 195 
PHE N   H    sing N N 196 
PHE N   H2   sing N N 197 
PHE CA  C    sing N N 198 
PHE CA  CB   sing N N 199 
PHE CA  HA   sing N N 200 
PHE C   O    doub N N 201 
PHE C   OXT  sing N N 202 
PHE CB  CG   sing N N 203 
PHE CB  HB2  sing N N 204 
PHE CB  HB3  sing N N 205 
PHE CG  CD1  doub Y N 206 
PHE CG  CD2  sing Y N 207 
PHE CD1 CE1  sing Y N 208 
PHE CD1 HD1  sing N N 209 
PHE CD2 CE2  doub Y N 210 
PHE CD2 HD2  sing N N 211 
PHE CE1 CZ   doub Y N 212 
PHE CE1 HE1  sing N N 213 
PHE CE2 CZ   sing Y N 214 
PHE CE2 HE2  sing N N 215 
PHE CZ  HZ   sing N N 216 
PHE OXT HXT  sing N N 217 
PRO N   CA   sing N N 218 
PRO N   CD   sing N N 219 
PRO N   H    sing N N 220 
PRO CA  C    sing N N 221 
PRO CA  CB   sing N N 222 
PRO CA  HA   sing N N 223 
PRO C   O    doub N N 224 
PRO C   OXT  sing N N 225 
PRO CB  CG   sing N N 226 
PRO CB  HB2  sing N N 227 
PRO CB  HB3  sing N N 228 
PRO CG  CD   sing N N 229 
PRO CG  HG2  sing N N 230 
PRO CG  HG3  sing N N 231 
PRO CD  HD2  sing N N 232 
PRO CD  HD3  sing N N 233 
PRO OXT HXT  sing N N 234 
SER N   CA   sing N N 235 
SER N   H    sing N N 236 
SER N   H2   sing N N 237 
SER CA  C    sing N N 238 
SER CA  CB   sing N N 239 
SER CA  HA   sing N N 240 
SER C   O    doub N N 241 
SER C   OXT  sing N N 242 
SER CB  OG   sing N N 243 
SER CB  HB2  sing N N 244 
SER CB  HB3  sing N N 245 
SER OG  HG   sing N N 246 
SER OXT HXT  sing N N 247 
THR N   CA   sing N N 248 
THR N   H    sing N N 249 
THR N   H2   sing N N 250 
THR CA  C    sing N N 251 
THR CA  CB   sing N N 252 
THR CA  HA   sing N N 253 
THR C   O    doub N N 254 
THR C   OXT  sing N N 255 
THR CB  OG1  sing N N 256 
THR CB  CG2  sing N N 257 
THR CB  HB   sing N N 258 
THR OG1 HG1  sing N N 259 
THR CG2 HG21 sing N N 260 
THR CG2 HG22 sing N N 261 
THR CG2 HG23 sing N N 262 
THR OXT HXT  sing N N 263 
TYR N   CA   sing N N 264 
TYR N   H    sing N N 265 
TYR N   H2   sing N N 266 
TYR CA  C    sing N N 267 
TYR CA  CB   sing N N 268 
TYR CA  HA   sing N N 269 
TYR C   O    doub N N 270 
TYR C   OXT  sing N N 271 
TYR CB  CG   sing N N 272 
TYR CB  HB2  sing N N 273 
TYR CB  HB3  sing N N 274 
TYR CG  CD1  doub Y N 275 
TYR CG  CD2  sing Y N 276 
TYR CD1 CE1  sing Y N 277 
TYR CD1 HD1  sing N N 278 
TYR CD2 CE2  doub Y N 279 
TYR CD2 HD2  sing N N 280 
TYR CE1 CZ   doub Y N 281 
TYR CE1 HE1  sing N N 282 
TYR CE2 CZ   sing Y N 283 
TYR CE2 HE2  sing N N 284 
TYR CZ  OH   sing N N 285 
TYR OH  HH   sing N N 286 
TYR OXT HXT  sing N N 287 
VAL N   CA   sing N N 288 
VAL N   H    sing N N 289 
VAL N   H2   sing N N 290 
VAL CA  C    sing N N 291 
VAL CA  CB   sing N N 292 
VAL CA  HA   sing N N 293 
VAL C   O    doub N N 294 
VAL C   OXT  sing N N 295 
VAL CB  CG1  sing N N 296 
VAL CB  CG2  sing N N 297 
VAL CB  HB   sing N N 298 
VAL CG1 HG11 sing N N 299 
VAL CG1 HG12 sing N N 300 
VAL CG1 HG13 sing N N 301 
VAL CG2 HG21 sing N N 302 
VAL CG2 HG22 sing N N 303 
VAL CG2 HG23 sing N N 304 
VAL OXT HXT  sing N N 305 
# 
_pdbx_audit_support.funding_organization   'Howard Hughes Medical Institute (HHMI)' 
_pdbx_audit_support.country                'United States' 
_pdbx_audit_support.grant_number           ? 
_pdbx_audit_support.ordinal                1 
# 
_pdbx_initial_refinement_model.id               1 
_pdbx_initial_refinement_model.entity_id_list   ? 
_pdbx_initial_refinement_model.type             'in silico model' 
_pdbx_initial_refinement_model.source_name      Other 
_pdbx_initial_refinement_model.accession_code   ? 
_pdbx_initial_refinement_model.details          'de novo designed model' 
# 
_space_group.name_H-M_alt     'I 2 3' 
_space_group.name_Hall        'I 2 2 3' 
_space_group.IT_number        197 
_space_group.crystal_system   cubic 
_space_group.id               1 
# 
_atom_sites.entry_id                    9DEA 
_atom_sites.Cartn_transf_matrix[1][1]   ? 
_atom_sites.Cartn_transf_matrix[1][2]   ? 
_atom_sites.Cartn_transf_matrix[1][3]   ? 
_atom_sites.Cartn_transf_matrix[2][1]   ? 
_atom_sites.Cartn_transf_matrix[2][2]   ? 
_atom_sites.Cartn_transf_matrix[2][3]   ? 
_atom_sites.Cartn_transf_matrix[3][1]   ? 
_atom_sites.Cartn_transf_matrix[3][2]   ? 
_atom_sites.Cartn_transf_matrix[3][3]   ? 
_atom_sites.Cartn_transf_vector[1]      ? 
_atom_sites.Cartn_transf_vector[2]      ? 
_atom_sites.Cartn_transf_vector[3]      ? 
_atom_sites.Cartn_transform_axes        ? 
_atom_sites.fract_transf_matrix[1][1]   -0.00391534 
_atom_sites.fract_transf_matrix[1][2]   0.01275785 
_atom_sites.fract_transf_matrix[1][3]   -0.00337381 
_atom_sites.fract_transf_matrix[2][1]   0.01022728 
_atom_sites.fract_transf_matrix[2][2]   0.00515753 
_atom_sites.fract_transf_matrix[2][3]   0.00763399 
_atom_sites.fract_transf_matrix[3][1]   0.00833954 
_atom_sites.fract_transf_matrix[3][2]   -0.00033528 
_atom_sites.fract_transf_matrix[3][3]   -0.01094600 
_atom_sites.fract_transf_vector[1]      -0.153670 
_atom_sites.fract_transf_vector[2]      -0.003208 
_atom_sites.fract_transf_vector[3]      0.290958 
_atom_sites.solution_primary            ? 
_atom_sites.solution_secondary          ? 
_atom_sites.solution_hydrogens          ? 
_atom_sites.special_details             ? 
# 
loop_
_atom_type.symbol 
_atom_type.scat_dispersion_real 
_atom_type.scat_dispersion_imag 
_atom_type.scat_Cromer_Mann_a1 
_atom_type.scat_Cromer_Mann_a2 
_atom_type.scat_Cromer_Mann_a3 
_atom_type.scat_Cromer_Mann_a4 
_atom_type.scat_Cromer_Mann_b1 
_atom_type.scat_Cromer_Mann_b2 
_atom_type.scat_Cromer_Mann_b3 
_atom_type.scat_Cromer_Mann_b4 
_atom_type.scat_Cromer_Mann_c 
_atom_type.scat_source 
_atom_type.scat_dispersion_source 
C ? ? 3.54356 2.42580 ? ? 25.62398 1.50364  ? ? 0.0 
;2-Gaussian fit: Grosse-Kunstleve RW, Sauter NK, Adams PD: Newsletter of the IUCr Commission on Crystallographic Computing 2004, 3, 22-31.
;
? 
N ? ? 4.01032 2.96436 ? ? 19.97189 1.75589  ? ? 0.0 
;2-Gaussian fit: Grosse-Kunstleve RW, Sauter NK, Adams PD: Newsletter of the IUCr Commission on Crystallographic Computing 2004, 3, 22-31.
;
? 
O ? ? 7.96527 ?       ? ? 9.05267  ?        ? ? 0.0 
;1-Gaussian fit: Grosse-Kunstleve RW, Sauter NK, Adams PD: Newsletter of the IUCr Commission on Crystallographic Computing 2004, 3, 22-31.
;
? 
S ? ? 9.55732 6.39887 ? ? 1.23737  29.19336 ? ? 0.0 
;2-Gaussian fit: Grosse-Kunstleve RW, Sauter NK, Adams PD: Newsletter of the IUCr Commission on Crystallographic Computing 2004, 3, 22-31.
;
? 
# 
loop_
_atom_site.group_PDB 
_atom_site.id 
_atom_site.type_symbol 
_atom_site.label_atom_id 
_atom_site.label_alt_id 
_atom_site.label_comp_id 
_atom_site.label_asym_id 
_atom_site.label_entity_id 
_atom_site.label_seq_id 
_atom_site.pdbx_PDB_ins_code 
_atom_site.Cartn_x 
_atom_site.Cartn_y 
_atom_site.Cartn_z 
_atom_site.occupancy 
_atom_site.B_iso_or_equiv 
_atom_site.pdbx_formal_charge 
_atom_site.auth_seq_id 
_atom_site.auth_comp_id 
_atom_site.auth_asym_id 
_atom_site.auth_atom_id 
_atom_site.pdbx_PDB_model_num 
ATOM 1   N N   . ALA A 1 2  ? 14.31643  1.10316   9.90789   1.000 109.15883 ? 2  ALA A N   1 
ATOM 2   C CA  . ALA A 1 2  ? 14.13955  -0.22525  10.48347  1.000 104.71613 ? 2  ALA A CA  1 
ATOM 3   C C   . ALA A 1 2  ? 12.82151  -0.85153  10.03344  1.000 104.06408 ? 2  ALA A C   1 
ATOM 4   O O   . ALA A 1 2  ? 12.80619  -1.95594  9.48563   1.000 105.96633 ? 2  ALA A O   1 
ATOM 5   C CB  . ALA A 1 2  ? 14.20599  -0.15633  12.00619  1.000 81.15820  ? 2  ALA A CB  1 
ATOM 6   N N   . LEU A 1 3  ? 11.71684  -0.13768  10.27577  1.000 106.52708 ? 3  LEU A N   1 
ATOM 7   C CA  . LEU A 1 3  ? 10.40415  -0.63167  9.87016   1.000 99.30117  ? 3  LEU A CA  1 
ATOM 8   C C   . LEU A 1 3  ? 10.28973  -0.72739  8.35796   1.000 103.73981 ? 3  LEU A C   1 
ATOM 9   O O   . LEU A 1 3  ? 9.57686   -1.59816  7.84459   1.000 99.44590  ? 3  LEU A O   1 
ATOM 10  C CB  . LEU A 1 3  ? 9.30582   0.27881   10.42395  1.000 87.76803  ? 3  LEU A CB  1 
ATOM 11  C CG  . LEU A 1 3  ? 9.30946   1.71922   9.90214   1.000 91.03430  ? 3  LEU A CG  1 
ATOM 12  C CD1 . LEU A 1 3  ? 8.20712   1.93754   8.87200   1.000 92.04709  ? 3  LEU A CD1 1 
ATOM 13  C CD2 . LEU A 1 3  ? 9.19123   2.71868   11.04080  1.000 100.35902 ? 3  LEU A CD2 1 
ATOM 14  N N   . LEU A 1 4  ? 10.99293  0.15755   7.64043   1.000 102.37148 ? 4  LEU A N   1 
ATOM 15  C CA  . LEU A 1 4  ? 10.96316  0.19246   6.18263   1.000 93.62978  ? 4  LEU A CA  1 
ATOM 16  C C   . LEU A 1 4  ? 11.31852  -1.14981  5.57421   1.000 101.18317 ? 4  LEU A C   1 
ATOM 17  O O   . LEU A 1 4  ? 10.90272  -1.44888  4.45026   1.000 99.69832  ? 4  LEU A O   1 
ATOM 18  C CB  . LEU A 1 4  ? 11.93488  1.25733   5.67096   1.000 93.13604  ? 4  LEU A CB  1 
ATOM 19  C CG  . LEU A 1 4  ? 13.25333  1.27891   6.46873   1.000 102.16409 ? 4  LEU A CG  1 
ATOM 20  C CD1 . LEU A 1 4  ? 14.27482  0.13857   6.13089   1.000 101.81057 ? 4  LEU A CD1 1 
ATOM 21  C CD2 . LEU A 1 4  ? 13.90880  2.66278   6.47543   1.000 95.07257  ? 4  LEU A CD2 1 
ATOM 22  N N   . GLU A 1 5  ? 12.10187  -1.96096  6.28682   1.000 105.79216 ? 5  GLU A N   1 
ATOM 23  C CA  . GLU A 1 5  ? 12.45885  -3.29187  5.81543   1.000 106.16575 ? 5  GLU A CA  1 
ATOM 24  C C   . GLU A 1 5  ? 11.47613  -4.36179  6.26989   1.000 98.74371  ? 5  GLU A C   1 
ATOM 25  O O   . GLU A 1 5  ? 11.36842  -5.40500  5.61360   1.000 100.37709 ? 5  GLU A O   1 
ATOM 26  C CB  . GLU A 1 5  ? 13.86967  -3.66501  6.28798   1.000 110.14784 ? 5  GLU A CB  1 
ATOM 27  C CG  . GLU A 1 5  ? 14.53679  -4.75236  5.46183   1.000 107.40059 ? 5  GLU A CG  1 
ATOM 28  C CD  . GLU A 1 5  ? 14.73843  -4.33747  4.01756   1.000 109.27936 ? 5  GLU A CD  1 
ATOM 29  O OE1 . GLU A 1 5  ? 15.54795  -3.41983  3.76781   1.000 114.20185 ? 5  GLU A OE1 1 
ATOM 30  O OE2 . GLU A 1 5  ? 14.07850  -4.92084  3.13198   1.000 107.89505 ? 5  GLU A OE2 1 
ATOM 31  N N   . LYS A 1 6  ? 10.76616  -4.13049  7.37651   1.000 92.83907  ? 6  LYS A N   1 
ATOM 32  C CA  . LYS A 1 6  ? 9.73072   -5.05915  7.81027   1.000 96.03918  ? 6  LYS A CA  1 
ATOM 33  C C   . LYS A 1 6  ? 8.42347   -4.84945  7.06175   1.000 98.92811  ? 6  LYS A C   1 
ATOM 34  O O   . LYS A 1 6  ? 7.70464   -5.82051  6.80496   1.000 101.59290 ? 6  LYS A O   1 
ATOM 35  C CB  . LYS A 1 6  ? 9.50004   -4.93193  9.31679   1.000 96.43366  ? 6  LYS A CB  1 
ATOM 36  C CG  . LYS A 1 6  ? 10.40427  -5.82306  10.15991  1.000 102.06636 ? 6  LYS A CG  1 
ATOM 37  C CD  . LYS A 1 6  ? 10.26622  -7.28734  9.75535   1.000 101.06661 ? 6  LYS A CD  1 
ATOM 38  C CE  . LYS A 1 6  ? 11.52427  -7.79646  9.06317   1.000 100.56131 ? 6  LYS A CE  1 
ATOM 39  N NZ  . LYS A 1 6  ? 11.39350  -9.19538  8.57267   1.000 92.40738  ? 6  LYS A NZ  1 
ATOM 40  N N   . ILE A 1 7  ? 8.09790   -3.60591  6.70050   1.000 99.19204  ? 7  ILE A N   1 
ATOM 41  C CA  . ILE A 1 7  ? 6.92281   -3.38455  5.86549   1.000 97.15714  ? 7  ILE A CA  1 
ATOM 42  C C   . ILE A 1 7  ? 7.14045   -3.98709  4.48581   1.000 94.02740  ? 7  ILE A C   1 
ATOM 43  O O   . ILE A 1 7  ? 6.17738   -4.33989  3.79464   1.000 107.30135 ? 7  ILE A O   1 
ATOM 44  C CB  . ILE A 1 7  ? 6.57691   -1.88345  5.79249   1.000 93.08291  ? 7  ILE A CB  1 
ATOM 45  C CG1 . ILE A 1 7  ? 7.77097   -1.05978  5.29983   1.000 93.71947  ? 7  ILE A CG1 1 
ATOM 46  C CG2 . ILE A 1 7  ? 6.11427   -1.38142  7.15430   1.000 83.62804  ? 7  ILE A CG2 1 
ATOM 47  C CD1 . ILE A 1 7  ? 7.82265   -0.83553  3.80142   1.000 88.09283  ? 7  ILE A CD1 1 
ATOM 48  N N   . GLU A 1 8  ? 8.40003   -4.11829  4.06197   1.000 92.74170  ? 8  GLU A N   1 
ATOM 49  C CA  . GLU A 1 8  ? 8.68809   -4.82202  2.81823   1.000 93.16306  ? 8  GLU A CA  1 
ATOM 50  C C   . GLU A 1 8  ? 8.41820   -6.31329  2.95946   1.000 89.95741  ? 8  GLU A C   1 
ATOM 51  O O   . GLU A 1 8  ? 7.82890   -6.93095  2.06521   1.000 87.82245  ? 8  GLU A O   1 
ATOM 52  C CB  . GLU A 1 8  ? 10.13780  -4.57874  2.39489   1.000 98.50618  ? 8  GLU A CB  1 
ATOM 53  C CG  . GLU A 1 8  ? 10.30874  -4.00378  0.98741   1.000 98.97685  ? 8  GLU A CG  1 
ATOM 54  C CD  . GLU A 1 8  ? 9.98397   -4.99837  -0.11956  1.000 88.12105  ? 8  GLU A CD  1 
ATOM 55  O OE1 . GLU A 1 8  ? 9.96949   -4.58739  -1.29892  1.000 91.60620  ? 8  GLU A OE1 1 
ATOM 56  O OE2 . GLU A 1 8  ? 9.74881   -6.18739  0.17973   1.000 100.12658 ? 8  GLU A OE2 1 
ATOM 57  N N   . LYS A 1 9  ? 8.82404   -6.90407  4.08469   1.000 90.33676  ? 9  LYS A N   1 
ATOM 58  C CA  . LYS A 1 9  ? 8.68870   -8.34672  4.25272   1.000 96.02083  ? 9  LYS A CA  1 
ATOM 59  C C   . LYS A 1 9  ? 7.23075   -8.75357  4.42747   1.000 93.50463  ? 9  LYS A C   1 
ATOM 60  O O   . LYS A 1 9  ? 6.74430   -9.65371  3.73436   1.000 102.86854 ? 9  LYS A O   1 
ATOM 61  C CB  . LYS A 1 9  ? 9.52637   -8.82025  5.44074   1.000 102.68592 ? 9  LYS A CB  1 
ATOM 62  C CG  . LYS A 1 9  ? 11.00029  -8.47523  5.33268   1.000 102.30001 ? 9  LYS A CG  1 
ATOM 63  C CD  . LYS A 1 9  ? 11.54952  -8.81862  3.96032   1.000 104.24398 ? 9  LYS A CD  1 
ATOM 64  C CE  . LYS A 1 9  ? 13.01642  -8.44715  3.85331   1.000 102.57683 ? 9  LYS A CE  1 
ATOM 65  N NZ  . LYS A 1 9  ? 13.55392  -8.74035  2.49857   1.000 109.59720 ? 9  LYS A NZ  1 
ATOM 66  N N   . GLU A 1 10 ? 6.51389   -8.10199  5.34835   1.000 85.01783  ? 10 GLU A N   1 
ATOM 67  C CA  . GLU A 1 10 ? 5.14696   -8.52396  5.64100   1.000 91.66595  ? 10 GLU A CA  1 
ATOM 68  C C   . GLU A 1 10 ? 4.23243   -8.34789  4.43635   1.000 85.25637  ? 10 GLU A C   1 
ATOM 69  O O   . GLU A 1 10 ? 3.27309   -9.10862  4.27118   1.000 88.23734  ? 10 GLU A O   1 
ATOM 70  C CB  . GLU A 1 10 ? 4.59932   -7.75593  6.84418   1.000 90.95918  ? 10 GLU A CB  1 
ATOM 71  C CG  . GLU A 1 10 ? 3.91470   -8.63797  7.88590   1.000 88.95246  ? 10 GLU A CG  1 
ATOM 72  C CD  . GLU A 1 10 ? 2.47311   -8.97807  7.53428   1.000 89.95737  ? 10 GLU A CD  1 
ATOM 73  O OE1 . GLU A 1 10 ? 1.89210   -9.86927  8.19327   1.000 87.02259  ? 10 GLU A OE1 1 
ATOM 74  O OE2 . GLU A 1 10 ? 1.91740   -8.35362  6.60654   1.000 91.39282  ? 10 GLU A OE2 1 
ATOM 75  N N   . ALA A 1 11 ? 4.51485   -7.36588  3.57875   1.000 70.36923  ? 11 ALA A N   1 
ATOM 76  C CA  . ALA A 1 11 ? 3.70318   -7.18982  2.38011   1.000 82.41140  ? 11 ALA A CA  1 
ATOM 77  C C   . ALA A 1 11 ? 3.81602   -8.38404  1.44355   1.000 84.11322  ? 11 ALA A C   1 
ATOM 78  O O   . ALA A 1 11 ? 2.86679   -8.68752  0.71257   1.000 85.11436  ? 11 ALA A O   1 
ATOM 79  C CB  . ALA A 1 11 ? 4.10443   -5.90897  1.65728   1.000 79.78714  ? 11 ALA A CB  1 
ATOM 80  N N   . GLU A 1 12 ? 4.96458   -9.06553  1.44161   1.000 87.22253  ? 12 GLU A N   1 
ATOM 81  C CA  . GLU A 1 12 ? 5.06333   -10.33385 0.72756   1.000 86.19049  ? 12 GLU A CA  1 
ATOM 82  C C   . GLU A 1 12 ? 4.06254   -11.34026 1.27785   1.000 85.96460  ? 12 GLU A C   1 
ATOM 83  O O   . GLU A 1 12 ? 3.42936   -12.08044 0.51620   1.000 94.51990  ? 12 GLU A O   1 
ATOM 84  C CB  . GLU A 1 12 ? 6.48578   -10.88472 0.82522   1.000 99.56212  ? 12 GLU A CB  1 
ATOM 85  C CG  . GLU A 1 12 ? 7.56347   -9.89011  0.43600   1.000 105.52440 ? 12 GLU A CG  1 
ATOM 86  C CD  . GLU A 1 12 ? 8.94166   -10.30717 0.90766   1.000 116.81513 ? 12 GLU A CD  1 
ATOM 87  O OE1 . GLU A 1 12 ? 9.13349   -11.50561 1.20350   1.000 116.26796 ? 12 GLU A OE1 1 
ATOM 88  O OE2 . GLU A 1 12 ? 9.83085   -9.43360  0.99149   1.000 113.49196 ? 12 GLU A OE2 1 
ATOM 89  N N   . ARG A 1 13 ? 3.90145   -11.37542 2.60334   1.000 86.99135  ? 13 ARG A N   1 
ATOM 90  C CA  . ARG A 1 13 ? 2.87970   -12.21587 3.21511   1.000 89.30081  ? 13 ARG A CA  1 
ATOM 91  C C   . ARG A 1 13 ? 1.47281   -11.72633 2.89624   1.000 85.08698  ? 13 ARG A C   1 
ATOM 92  O O   . ARG A 1 13 ? 0.51544   -12.49666 3.02902   1.000 82.66389  ? 13 ARG A O   1 
ATOM 93  C CB  . ARG A 1 13 ? 3.08428   -12.26855 4.73041   1.000 88.62024  ? 13 ARG A CB  1 
ATOM 94  C CG  . ARG A 1 13 ? 4.52386   -12.02822 5.16351   1.000 84.35533  ? 13 ARG A CG  1 
ATOM 95  C CD  . ARG A 1 13 ? 5.40491   -13.24842 4.95356   1.000 95.18399  ? 13 ARG A CD  1 
ATOM 96  N NE  . ARG A 1 13 ? 5.60016   -13.98243 6.19836   1.000 110.23977 ? 13 ARG A NE  1 
ATOM 97  C CZ  . ARG A 1 13 ? 6.51516   -13.67827 7.10931   1.000 104.70506 ? 13 ARG A CZ  1 
ATOM 98  N NH1 . ARG A 1 13 ? 7.34995   -12.66621 6.93901   1.000 94.02471  ? 13 ARG A NH1 1 
ATOM 99  N NH2 . ARG A 1 13 ? 6.59081   -14.40381 8.22183   1.000 96.50504  ? 13 ARG A NH2 1 
ATOM 100 N N   . LEU A 1 14 ? 1.32782   -10.46531 2.48700   1.000 87.34856  ? 14 LEU A N   1 
ATOM 101 C CA  . LEU A 1 14 ? 0.04453   -9.92003  2.06617   1.000 88.27796  ? 14 LEU A CA  1 
ATOM 102 C C   . LEU A 1 14 ? -0.18569  -10.03400 0.56746   1.000 85.85923  ? 14 LEU A C   1 
ATOM 103 O O   . LEU A 1 14 ? -1.28283  -9.71146  0.09745   1.000 90.22942  ? 14 LEU A O   1 
ATOM 104 C CB  . LEU A 1 14 ? -0.07272  -8.44761  2.47552   1.000 84.54142  ? 14 LEU A CB  1 
ATOM 105 C CG  . LEU A 1 14 ? -0.21402  -8.12708  3.96316   1.000 82.88324  ? 14 LEU A CG  1 
ATOM 106 C CD1 . LEU A 1 14 ? -0.55392  -6.65462  4.15003   1.000 81.28824  ? 14 LEU A CD1 1 
ATOM 107 C CD2 . LEU A 1 14 ? -1.26735  -9.01695  4.60332   1.000 79.64149  ? 14 LEU A CD2 1 
ATOM 108 N N   . LEU A 1 15 ? 0.81676   -10.47893 -0.18968  1.000 78.30897  ? 15 LEU A N   1 
ATOM 109 C CA  . LEU A 1 15 ? 0.66362   -10.58622 -1.63200  1.000 79.72330  ? 15 LEU A CA  1 
ATOM 110 C C   . LEU A 1 15 ? -0.38526  -11.61742 -2.03681  1.000 86.25647  ? 15 LEU A C   1 
ATOM 111 O O   . LEU A 1 15 ? -0.86947  -11.56331 -3.17138  1.000 81.92678  ? 15 LEU A O   1 
ATOM 112 C CB  . LEU A 1 15 ? 2.01206   -10.92002 -2.27315  1.000 79.45382  ? 15 LEU A CB  1 
ATOM 113 C CG  . LEU A 1 15 ? 2.24236   -10.36354 -3.67960  1.000 79.85315  ? 15 LEU A CG  1 
ATOM 114 C CD1 . LEU A 1 15 ? 2.25842   -8.84267  -3.65155  1.000 77.20558  ? 15 LEU A CD1 1 
ATOM 115 C CD2 . LEU A 1 15 ? 3.52856   -10.91243 -4.27924  1.000 87.30303  ? 15 LEU A CD2 1 
ATOM 116 N N   . ASP A 1 16 ? -0.75288  -12.53929 -1.15154  1.000 92.86991  ? 16 ASP A N   1 
ATOM 117 C CA  . ASP A 1 16 ? -1.75749  -13.55408 -1.46840  1.000 96.78873  ? 16 ASP A CA  1 
ATOM 118 C C   . ASP A 1 16 ? -3.09560  -13.22851 -0.81481  1.000 101.30934 ? 16 ASP A C   1 
ATOM 119 O O   . ASP A 1 16 ? -3.66347  -14.04900 -0.09599  1.000 113.22626 ? 16 ASP A O   1 
ATOM 120 C CB  . ASP A 1 16 ? -1.25282  -14.94595 -1.06991  1.000 106.83856 ? 16 ASP A CB  1 
ATOM 121 C CG  . ASP A 1 16 ? -1.18022  -15.16995 0.45485   1.000 112.01045 ? 16 ASP A CG  1 
ATOM 122 O OD1 . ASP A 1 16 ? -0.97977  -14.20249 1.22418   1.000 110.75599 ? 16 ASP A OD1 1 
ATOM 123 O OD2 . ASP A 1 16 ? -1.32420  -16.33986 0.88446   1.000 124.38510 ? 16 ASP A OD2 1 
ATOM 124 N N   . LYS A 1 17 ? -3.65154  -12.04391 -1.09230  1.000 97.71332  ? 17 LYS A N   1 
ATOM 125 C CA  . LYS A 1 17 ? -4.91255  -11.62939 -0.48396  1.000 93.70261  ? 17 LYS A CA  1 
ATOM 126 C C   . LYS A 1 17 ? -5.73877  -10.80750 -1.46943  1.000 92.28060  ? 17 LYS A C   1 
ATOM 127 O O   . LYS A 1 17 ? -5.22499  -10.26378 -2.45108  1.000 88.82494  ? 17 LYS A O   1 
ATOM 128 C CB  . LYS A 1 17 ? -4.68181  -10.84391 0.82493   1.000 97.30371  ? 17 LYS A CB  1 
ATOM 129 C CG  . LYS A 1 17 ? -3.92442  -11.66502 1.88462   1.000 100.01409 ? 17 LYS A CG  1 
ATOM 130 C CD  . LYS A 1 17 ? -4.09623  -11.16810 3.31346   1.000 104.59602 ? 17 LYS A CD  1 
ATOM 131 C CE  . LYS A 1 17 ? -3.51508  -12.17023 4.32023   1.000 103.66764 ? 17 LYS A CE  1 
ATOM 132 N NZ  . LYS A 1 17 ? -4.24531  -13.48029 4.31878   1.000 109.01733 ? 17 LYS A NZ  1 
ATOM 133 N N   . ASP A 1 18 ? -7.04181  -10.74710 -1.19005  1.000 92.17612  ? 18 ASP A N   1 
ATOM 134 C CA  . ASP A 1 18 ? -7.98060  -9.95393  -1.97462  1.000 82.95027  ? 18 ASP A CA  1 
ATOM 135 C C   . ASP A 1 18 ? -7.61753  -8.47457  -1.90847  1.000 88.26320  ? 18 ASP A C   1 
ATOM 136 O O   . ASP A 1 18 ? -7.26413  -7.95085  -0.84825  1.000 91.35927  ? 18 ASP A O   1 
ATOM 137 C CB  . ASP A 1 18 ? -9.40503  -10.18792 -1.44993  1.000 88.26333  ? 18 ASP A CB  1 
ATOM 138 C CG  . ASP A 1 18 ? -10.47736 -9.39510  -2.20199  1.000 94.75048  ? 18 ASP A CG  1 
ATOM 139 O OD1 . ASP A 1 18 ? -10.15622 -8.49147  -3.00381  1.000 95.13245  ? 18 ASP A OD1 1 
ATOM 140 O OD2 . ASP A 1 18 ? -11.67303 -9.68894  -1.97934  1.000 85.34675  ? 18 ASP A OD2 1 
ATOM 141 N N   . GLU A 1 19 ? -7.70877  -7.80137  -3.05958  1.000 83.38655  ? 19 GLU A N   1 
ATOM 142 C CA  . GLU A 1 19 ? -7.49398  -6.35765  -3.10184  1.000 81.59204  ? 19 GLU A CA  1 
ATOM 143 C C   . GLU A 1 19 ? -8.44898  -5.63692  -2.16321  1.000 75.28962  ? 19 GLU A C   1 
ATOM 144 O O   . GLU A 1 19 ? -8.03354  -4.78682  -1.36794  1.000 75.89226  ? 19 GLU A O   1 
ATOM 145 C CB  . GLU A 1 19 ? -7.66417  -5.83930  -4.52850  1.000 74.42731  ? 19 GLU A CB  1 
ATOM 146 C CG  . GLU A 1 19 ? -6.47926  -6.09846  -5.43051  1.000 86.72530  ? 19 GLU A CG  1 
ATOM 147 C CD  . GLU A 1 19 ? -6.86097  -6.05737  -6.89280  1.000 95.92745  ? 19 GLU A CD  1 
ATOM 148 O OE1 . GLU A 1 19 ? -7.11071  -4.95299  -7.42197  1.000 86.50223  ? 19 GLU A OE1 1 
ATOM 149 O OE2 . GLU A 1 19 ? -6.93127  -7.13975  -7.50753  1.000 106.26631 ? 19 GLU A OE2 1 
ATOM 150 N N   . ALA A 1 20 ? -9.74154  -5.96116  -2.25248  1.000 81.55061  ? 20 ALA A N   1 
ATOM 151 C CA  . ALA A 1 20 ? -10.71124 -5.41130  -1.31259  1.000 80.17792  ? 20 ALA A CA  1 
ATOM 152 C C   . ALA A 1 20 ? -10.29067 -5.69407  0.12155   1.000 70.30820  ? 20 ALA A C   1 
ATOM 153 O O   . ALA A 1 20 ? -10.20596 -4.77854  0.94531   1.000 74.19442  ? 20 ALA A O   1 
ATOM 154 C CB  . ALA A 1 20 ? -12.10000 -5.98590  -1.59061  1.000 81.76139  ? 20 ALA A CB  1 
ATOM 155 N N   . LYS A 1 21 ? -9.99409  -6.95971  0.42687   1.000 71.34398  ? 21 LYS A N   1 
ATOM 156 C CA  . LYS A 1 21 ? -9.57208  -7.33025  1.77473   1.000 75.28544  ? 21 LYS A CA  1 
ATOM 157 C C   . LYS A 1 21 ? -8.35187  -6.53090  2.21364   1.000 70.91441  ? 21 LYS A C   1 
ATOM 158 O O   . LYS A 1 21 ? -8.29431  -6.03417  3.34484   1.000 66.58991  ? 21 LYS A O   1 
ATOM 159 C CB  . LYS A 1 21 ? -9.27731  -8.82756  1.83560   1.000 81.44434  ? 21 LYS A CB  1 
ATOM 160 C CG  . LYS A 1 21 ? -8.46867  -9.23245  3.04927   1.000 83.52329  ? 21 LYS A CG  1 
ATOM 161 C CD  . LYS A 1 21 ? -8.17882  -10.71724 3.05971   1.000 90.74275  ? 21 LYS A CD  1 
ATOM 162 C CE  . LYS A 1 21 ? -7.43516  -11.09803 4.32199   1.000 91.60523  ? 21 LYS A CE  1 
ATOM 163 N NZ  . LYS A 1 21 ? -8.15306  -10.62205 5.53607   1.000 81.23372  ? 21 LYS A NZ  1 
ATOM 164 N N   . LEU A 1 22 ? -7.35946  -6.40179  1.32940   1.000 73.57502  ? 22 LEU A N   1 
ATOM 165 C CA  . LEU A 1 22 ? -6.18613  -5.59759  1.65152   1.000 66.92492  ? 22 LEU A CA  1 
ATOM 166 C C   . LEU A 1 22 ? -6.56209  -4.14871  1.92863   1.000 63.56761  ? 22 LEU A C   1 
ATOM 167 O O   . LEU A 1 22 ? -5.91542  -3.48606  2.74806   1.000 66.52177  ? 22 LEU A O   1 
ATOM 168 C CB  . LEU A 1 22 ? -5.16672  -5.67856  0.51506   1.000 79.85789  ? 22 LEU A CB  1 
ATOM 169 C CG  . LEU A 1 22 ? -4.29420  -6.93472  0.45157   1.000 81.64985  ? 22 LEU A CG  1 
ATOM 170 C CD1 . LEU A 1 22 ? -4.15445  -7.43112  -0.97885  1.000 85.40417  ? 22 LEU A CD1 1 
ATOM 171 C CD2 . LEU A 1 22 ? -2.92481  -6.65420  1.04897   1.000 69.08418  ? 22 LEU A CD2 1 
ATOM 172 N N   . LEU A 1 23 ? -7.60514  -3.64227  1.26583   1.000 64.80024  ? 23 LEU A N   1 
ATOM 173 C CA  . LEU A 1 23 ? -8.06181  -2.28470  1.54273   1.000 54.83575  ? 23 LEU A CA  1 
ATOM 174 C C   . LEU A 1 23 ? -8.67448  -2.18219  2.93420   1.000 60.01647  ? 23 LEU A C   1 
ATOM 175 O O   . LEU A 1 23 ? -8.48406  -1.17680  3.62823   1.000 66.14013  ? 23 LEU A O   1 
ATOM 176 C CB  . LEU A 1 23 ? -9.06447  -1.83487  0.47924   1.000 63.29588  ? 23 LEU A CB  1 
ATOM 177 C CG  . LEU A 1 23 ? -8.54123  -1.65719  -0.94927  1.000 74.53707  ? 23 LEU A CG  1 
ATOM 178 C CD1 . LEU A 1 23 ? -9.67248  -1.28212  -1.89760  1.000 72.84615  ? 23 LEU A CD1 1 
ATOM 179 C CD2 . LEU A 1 23 ? -7.42897  -0.61934  -1.00101  1.000 61.41671  ? 23 LEU A CD2 1 
ATOM 180 N N   . ILE A 1 24 ? -9.40722  -3.21122  3.36522   1.000 56.56235  ? 24 ILE A N   1 
ATOM 181 C CA  . ILE A 1 24 ? -10.01310 -3.16547  4.69314   1.000 54.47213  ? 24 ILE A CA  1 
ATOM 182 C C   . ILE A 1 24 ? -8.93994  -3.31426  5.75688   1.000 56.21152  ? 24 ILE A C   1 
ATOM 183 O O   . ILE A 1 24 ? -9.01686  -2.70508  6.83072   1.000 57.06776  ? 24 ILE A O   1 
ATOM 184 C CB  . ILE A 1 24 ? -11.09992 -4.24580  4.84933   1.000 60.23062  ? 24 ILE A CB  1 
ATOM 185 C CG1 . ILE A 1 24 ? -11.79466 -4.52973  3.52035   1.000 61.77879  ? 24 ILE A CG1 1 
ATOM 186 C CG2 . ILE A 1 24 ? -12.12122 -3.82006  5.89722   1.000 61.23310  ? 24 ILE A CG2 1 
ATOM 187 C CD1 . ILE A 1 24 ? -12.34163 -3.30902  2.85323   1.000 71.25440  ? 24 ILE A CD1 1 
ATOM 188 N N   . LEU A 1 25 ? -7.92576  -4.13208  5.47441   1.000 59.76345  ? 25 LEU A N   1 
ATOM 189 C CA  . LEU A 1 25 ? -6.81227  -4.29158  6.39909   1.000 50.75776  ? 25 LEU A CA  1 
ATOM 190 C C   . LEU A 1 25 ? -6.13932  -2.95427  6.67078   1.000 56.17572  ? 25 LEU A C   1 
ATOM 191 O O   . LEU A 1 25 ? -5.85457  -2.61063  7.82297   1.000 70.07571  ? 25 LEU A O   1 
ATOM 192 C CB  . LEU A 1 25 ? -5.81180  -5.29349  5.83010   1.000 59.73846  ? 25 LEU A CB  1 
ATOM 193 C CG  . LEU A 1 25 ? -4.76797  -5.81118  6.81225   1.000 61.19690  ? 25 LEU A CG  1 
ATOM 194 C CD1 . LEU A 1 25 ? -5.41934  -6.75131  7.81426   1.000 62.10171  ? 25 LEU A CD1 1 
ATOM 195 C CD2 . LEU A 1 25 ? -3.65004  -6.49860  6.05769   1.000 58.44414  ? 25 LEU A CD2 1 
ATOM 196 N N   . ALA A 1 26 ? -5.88511  -2.17945  5.61504   1.000 52.04734  ? 26 ALA A N   1 
ATOM 197 C CA  . ALA A 1 26 ? -5.31143  -0.85222  5.79967   1.000 54.09762  ? 26 ALA A CA  1 
ATOM 198 C C   . ALA A 1 26 ? -6.27673  0.06307   6.54024   1.000 55.87535  ? 26 ALA A C   1 
ATOM 199 O O   . ALA A 1 26 ? -5.87230  0.80549   7.44277   1.000 60.11867  ? 26 ALA A O   1 
ATOM 200 C CB  . ALA A 1 26 ? -4.93242  -0.25277  4.44595   1.000 56.99655  ? 26 ALA A CB  1 
ATOM 201 N N   . GLU A 1 27 ? -7.55902  0.02334   6.17107   1.000 58.79951  ? 27 GLU A N   1 
ATOM 202 C CA  . GLU A 1 27 ? -8.54415  0.90331   6.79207   1.000 53.95173  ? 27 GLU A CA  1 
ATOM 203 C C   . GLU A 1 27 ? -8.68976  0.60670   8.27843   1.000 54.90086  ? 27 GLU A C   1 
ATOM 204 O O   . GLU A 1 27 ? -8.65840  1.51884   9.11255   1.000 63.71246  ? 27 GLU A O   1 
ATOM 205 C CB  . GLU A 1 27 ? -9.88985  0.76350   6.07853   1.000 58.03585  ? 27 GLU A CB  1 
ATOM 206 C CG  . GLU A 1 27 ? -11.05735 1.41644   6.80516   1.000 63.53605  ? 27 GLU A CG  1 
ATOM 207 C CD  . GLU A 1 27 ? -10.96533 2.93075   6.83162   1.000 77.94511  ? 27 GLU A CD  1 
ATOM 208 O OE1 . GLU A 1 27 ? -10.23241 3.50302   5.99643   1.000 65.46420  ? 27 GLU A OE1 1 
ATOM 209 O OE2 . GLU A 1 27 ? -11.62924 3.54971   7.68993   1.000 95.38591  ? 27 GLU A OE2 1 
ATOM 210 N N   . LYS A 1 28 ? -8.84387  -0.66980  8.62966   1.000 49.26985  ? 28 LYS A N   1 
ATOM 211 C CA  . LYS A 1 28 ? -9.08084  -1.02847  10.02214  1.000 53.28558  ? 28 LYS A CA  1 
ATOM 212 C C   . LYS A 1 28 ? -7.78444  -1.07902  10.81963  1.000 53.69357  ? 28 LYS A C   1 
ATOM 213 O O   . LYS A 1 28 ? -7.74221  -0.62126  11.96696  1.000 55.82077  ? 28 LYS A O   1 
ATOM 214 C CB  . LYS A 1 28 ? -9.81147  -2.36799  10.09696  1.000 47.23930  ? 28 LYS A CB  1 
ATOM 215 C CG  . LYS A 1 28 ? -11.11475 -2.39482  9.31357   1.000 59.03785  ? 28 LYS A CG  1 
ATOM 216 C CD  . LYS A 1 28 ? -12.08899 -1.34032  9.81467   1.000 51.26389  ? 28 LYS A CD  1 
ATOM 217 C CE  . LYS A 1 28 ? -12.47912 -1.59448  11.26037  1.000 61.98407  ? 28 LYS A CE  1 
ATOM 218 N NZ  . LYS A 1 28 ? -13.42245 -0.56213  11.76656  1.000 89.34212  ? 28 LYS A NZ  1 
ATOM 219 N N   . PHE A 1 29 ? -6.72451  -1.63264  10.23843  1.000 56.65997  ? 29 PHE A N   1 
ATOM 220 C CA  . PHE A 1 29 ? -5.41857  -1.72042  10.88882  1.000 51.10884  ? 29 PHE A CA  1 
ATOM 221 C C   . PHE A 1 29 ? -4.51665  -0.69841  10.20324  1.000 53.89465  ? 29 PHE A C   1 
ATOM 222 O O   . PHE A 1 29 ? -3.99438  -0.95232  9.11414   1.000 60.88957  ? 29 PHE A O   1 
ATOM 223 C CB  . PHE A 1 29 ? -4.83723  -3.13197  10.79829  1.000 53.08997  ? 29 PHE A CB  1 
ATOM 224 C CG  . PHE A 1 29 ? -5.69403  -4.20317  11.43577  1.000 52.12162  ? 29 PHE A CG  1 
ATOM 225 C CD1 . PHE A 1 29 ? -6.81087  -3.88085  12.18930  1.000 52.58250  ? 29 PHE A CD1 1 
ATOM 226 C CD2 . PHE A 1 29 ? -5.36680  -5.53996  11.28347  1.000 51.83441  ? 29 PHE A CD2 1 
ATOM 227 C CE1 . PHE A 1 29 ? -7.58572  -4.86487  12.76975  1.000 48.42241  ? 29 PHE A CE1 1 
ATOM 228 C CE2 . PHE A 1 29 ? -6.13805  -6.52932  11.86272  1.000 58.31065  ? 29 PHE A CE2 1 
ATOM 229 C CZ  . PHE A 1 29 ? -7.24901  -6.19022  12.60645  1.000 59.93482  ? 29 PHE A CZ  1 
ATOM 230 N N   . SER A 1 30 ? -4.33949  0.46206   10.84170  1.000 59.64693  ? 30 SER A N   1 
ATOM 231 C CA  . SER A 1 30 ? -3.58915  1.54353   10.20927  1.000 56.11643  ? 30 SER A CA  1 
ATOM 232 C C   . SER A 1 30 ? -2.11441  1.19651   10.05141  1.000 60.63083  ? 30 SER A C   1 
ATOM 233 O O   . SER A 1 30 ? -1.47814  1.63365   9.08592   1.000 62.04831  ? 30 SER A O   1 
ATOM 234 C CB  . SER A 1 30 ? -3.74150  2.83549   11.01226  1.000 63.69057  ? 30 SER A CB  1 
ATOM 235 O OG  . SER A 1 30 ? -2.97003  2.79290   12.20010  1.000 65.01864  ? 30 SER A OG  1 
ATOM 236 N N   . GLY A 1 31 ? -1.55276  0.42354   10.98269  1.000 62.71914  ? 31 GLY A N   1 
ATOM 237 C CA  . GLY A 1 31 ? -0.16353  0.01801   10.86517  1.000 62.18163  ? 31 GLY A CA  1 
ATOM 238 C C   . GLY A 1 31 ? 0.11320   -0.87265  9.67292   1.000 57.75456  ? 31 GLY A C   1 
ATOM 239 O O   . GLY A 1 31 ? 1.25110   -0.91677  9.19331   1.000 68.01544  ? 31 GLY A O   1 
ATOM 240 N N   . TYR A 1 32 ? -0.90150  -1.58724  9.18369   1.000 60.52924  ? 32 TYR A N   1 
ATOM 241 C CA  . TYR A 1 32 ? -0.76198  -2.41169  7.99033   1.000 62.18989  ? 32 TYR A CA  1 
ATOM 242 C C   . TYR A 1 32 ? -0.91458  -1.61994  6.69910   1.000 64.51390  ? 32 TYR A C   1 
ATOM 243 O O   . TYR A 1 32 ? -0.62574  -2.16116  5.62636   1.000 62.76275  ? 32 TYR A O   1 
ATOM 244 C CB  . TYR A 1 32 ? -1.78698  -3.54833  8.01124   1.000 56.30039  ? 32 TYR A CB  1 
ATOM 245 C CG  . TYR A 1 32 ? -1.36011  -4.75015  8.82146   1.000 62.55118  ? 32 TYR A CG  1 
ATOM 246 C CD1 . TYR A 1 32 ? -1.38030  -4.72089  10.20890  1.000 62.07066  ? 32 TYR A CD1 1 
ATOM 247 C CD2 . TYR A 1 32 ? -0.94390  -5.91843  8.19699   1.000 71.53853  ? 32 TYR A CD2 1 
ATOM 248 C CE1 . TYR A 1 32 ? -0.99105  -5.81979  10.95243  1.000 72.50833  ? 32 TYR A CE1 1 
ATOM 249 C CE2 . TYR A 1 32 ? -0.55543  -7.02238  8.93048   1.000 77.23384  ? 32 TYR A CE2 1 
ATOM 250 C CZ  . TYR A 1 32 ? -0.58028  -6.96787  10.30750  1.000 77.00089  ? 32 TYR A CZ  1 
ATOM 251 O OH  . TYR A 1 32 ? -0.19259  -8.06564  11.04089  1.000 84.24891  ? 32 TYR A OH  1 
ATOM 252 N N   . ALA A 1 33 ? -1.35449  -0.36386  6.77698   1.000 66.83897  ? 33 ALA A N   1 
ATOM 253 C CA  . ALA A 1 33 ? -1.54900  0.43172   5.56770   1.000 66.50832  ? 33 ALA A CA  1 
ATOM 254 C C   . ALA A 1 33 ? -0.29110  0.57808   4.71380   1.000 66.41817  ? 33 ALA A C   1 
ATOM 255 O O   . ALA A 1 33 ? -0.40941  0.47290   3.48145   1.000 72.21888  ? 33 ALA A O   1 
ATOM 256 C CB  . ALA A 1 33 ? -2.11626  1.80840   5.93926   1.000 52.55430  ? 33 ALA A CB  1 
ATOM 257 N N   . PRO A 1 34 ? 0.90589   0.82418   5.26501   1.000 64.39212  ? 34 PRO A N   1 
ATOM 258 C CA  . PRO A 1 34 ? 2.08646   0.90557   4.38255   1.000 68.49450  ? 34 PRO A CA  1 
ATOM 259 C C   . PRO A 1 34 ? 2.37063   -0.39264  3.64893   1.000 71.99685  ? 34 PRO A C   1 
ATOM 260 O O   . PRO A 1 34 ? 2.63299   -0.37549  2.43905   1.000 77.33459  ? 34 PRO A O   1 
ATOM 261 C CB  . PRO A 1 34 ? 3.21961   1.28036   5.34934   1.000 80.07425  ? 34 PRO A CB  1 
ATOM 262 C CG  . PRO A 1 34 ? 2.54454   1.88490   6.52033   1.000 75.60364  ? 34 PRO A CG  1 
ATOM 263 C CD  . PRO A 1 34 ? 1.25158   1.15603   6.65815   1.000 71.62623  ? 34 PRO A CD  1 
ATOM 264 N N   . ALA A 1 35 ? 2.32507   -1.52674  4.35270   1.000 75.21463  ? 35 ALA A N   1 
ATOM 265 C CA  . ALA A 1 35 ? 2.56168   -2.80895  3.69934   1.000 74.14581  ? 35 ALA A CA  1 
ATOM 266 C C   . ALA A 1 35 ? 1.47347   -3.13270  2.68470   1.000 76.03695  ? 35 ALA A C   1 
ATOM 267 O O   . ALA A 1 35 ? 1.74297   -3.80624  1.68425   1.000 76.02881  ? 35 ALA A O   1 
ATOM 268 C CB  . ALA A 1 35 ? 2.66366   -3.92171  4.74185   1.000 62.40461  ? 35 ALA A CB  1 
ATOM 269 N N   . CYS A 1 36 ? 0.24642   -2.66252  2.91715   1.000 79.59781  ? 36 CYS A N   1 
ATOM 270 C CA  . CYS A 1 36 ? -0.83516  -2.93151  1.97542   1.000 75.69937  ? 36 CYS A CA  1 
ATOM 271 C C   . CYS A 1 36 ? -0.57238  -2.26087  0.63230   1.000 73.46818  ? 36 CYS A C   1 
ATOM 272 O O   . CYS A 1 36 ? -0.61363  -2.91361  -0.41632  1.000 75.71584  ? 36 CYS A O   1 
ATOM 273 C CB  . CYS A 1 36 ? -2.17100  -2.47399  2.56198   1.000 73.78029  ? 36 CYS A CB  1 
ATOM 274 S SG  . CYS A 1 36 ? -2.79256  -3.52453  3.89708   1.000 64.32466  ? 36 CYS A SG  1 
ATOM 275 N N   . LEU A 1 37 ? -0.28522  -0.95556  0.64541   1.000 73.83552  ? 37 LEU A N   1 
ATOM 276 C CA  . LEU A 1 37 ? -0.02131  -0.24811  -0.60507  1.000 81.84779  ? 37 LEU A CA  1 
ATOM 277 C C   . LEU A 1 37 ? 1.17114   -0.84885  -1.33943  1.000 80.10478  ? 37 LEU A C   1 
ATOM 278 O O   . LEU A 1 37 ? 1.15922   -0.95889  -2.57099  1.000 77.32344  ? 37 LEU A O   1 
ATOM 279 C CB  . LEU A 1 37 ? 0.20647   1.23981   -0.33593  1.000 75.88429  ? 37 LEU A CB  1 
ATOM 280 C CG  . LEU A 1 37 ? 0.49707   2.08931   -1.57717  1.000 68.88860  ? 37 LEU A CG  1 
ATOM 281 C CD1 . LEU A 1 37 ? -0.60351  1.92376   -2.61446  1.000 64.87100  ? 37 LEU A CD1 1 
ATOM 282 C CD2 . LEU A 1 37 ? 0.66839   3.55358   -1.21146  1.000 62.84201  ? 37 LEU A CD2 1 
ATOM 283 N N   . LEU A 1 38 ? 2.20786   -1.24902  -0.60071  1.000 74.37409  ? 38 LEU A N   1 
ATOM 284 C CA  . LEU A 1 38 ? 3.33945   -1.93027  -1.22055  1.000 78.85141  ? 38 LEU A CA  1 
ATOM 285 C C   . LEU A 1 38 ? 2.89420   -3.22981  -1.88168  1.000 78.16911  ? 38 LEU A C   1 
ATOM 286 O O   . LEU A 1 38 ? 3.26126   -3.51974  -3.02638  1.000 80.51119  ? 38 LEU A O   1 
ATOM 287 C CB  . LEU A 1 38 ? 4.42217   -2.19777  -0.17520  1.000 80.19296  ? 38 LEU A CB  1 
ATOM 288 C CG  . LEU A 1 38 ? 5.65580   -2.95700  -0.66342  1.000 80.76136  ? 38 LEU A CG  1 
ATOM 289 C CD1 . LEU A 1 38 ? 6.45911   -2.12475  -1.66352  1.000 76.95544  ? 38 LEU A CD1 1 
ATOM 290 C CD2 . LEU A 1 38 ? 6.50764   -3.38367  0.52034   1.000 84.47525  ? 38 LEU A CD2 1 
ATOM 291 N N   . ALA A 1 39 ? 2.09162   -4.02545  -1.17196  1.000 73.53546  ? 39 ALA A N   1 
ATOM 292 C CA  . ALA A 1 39 ? 1.59688   -5.27209  -1.74410  1.000 67.28921  ? 39 ALA A CA  1 
ATOM 293 C C   . ALA A 1 39 ? 0.64185   -5.01932  -2.90280  1.000 73.57066  ? 39 ALA A C   1 
ATOM 294 O O   . ALA A 1 39 ? 0.52389   -5.85980  -3.80170  1.000 81.55350  ? 39 ALA A O   1 
ATOM 295 C CB  . ALA A 1 39 ? 0.91340   -6.11020  -0.66455  1.000 64.54428  ? 39 ALA A CB  1 
ATOM 296 N N   . LEU A 1 40 ? -0.03974  -3.87244  -2.90507  1.000 76.56316  ? 40 LEU A N   1 
ATOM 297 C CA  . LEU A 1 40 ? -0.99025  -3.57354  -3.96961  1.000 76.35805  ? 40 LEU A CA  1 
ATOM 298 C C   . LEU A 1 40 ? -0.29345  -3.14823  -5.25652  1.000 83.35928  ? 40 LEU A C   1 
ATOM 299 O O   . LEU A 1 40 ? -0.81683  -3.40123  -6.34740  1.000 80.35482  ? 40 LEU A O   1 
ATOM 300 C CB  . LEU A 1 40 ? -1.97170  -2.49112  -3.51129  1.000 78.98375  ? 40 LEU A CB  1 
ATOM 301 C CG  . LEU A 1 40 ? -3.26680  -2.91103  -2.79943  1.000 79.25190  ? 40 LEU A CG  1 
ATOM 302 C CD1 . LEU A 1 40 ? -4.36956  -3.22297  -3.79216  1.000 70.09658  ? 40 LEU A CD1 1 
ATOM 303 C CD2 . LEU A 1 40 ? -3.05023  -4.10376  -1.88876  1.000 75.32920  ? 40 LEU A CD2 1 
ATOM 304 N N   . VAL A 1 41 ? 0.87613   -2.51096  -5.15927  1.000 82.78909  ? 41 VAL A N   1 
ATOM 305 C CA  . VAL A 1 41 ? 1.61231   -2.16593  -6.37190  1.000 83.80312  ? 41 VAL A CA  1 
ATOM 306 C C   . VAL A 1 41 ? 2.38936   -3.37026  -6.89149  1.000 81.78926  ? 41 VAL A C   1 
ATOM 307 O O   . VAL A 1 41 ? 2.61296   -3.49253  -8.10152  1.000 81.71969  ? 41 VAL A O   1 
ATOM 308 C CB  . VAL A 1 41 ? 2.53953   -0.95788  -6.13568  1.000 79.61320  ? 41 VAL A CB  1 
ATOM 309 C CG1 . VAL A 1 41 ? 1.77412   0.18814   -5.49214  1.000 82.53023  ? 41 VAL A CG1 1 
ATOM 310 C CG2 . VAL A 1 41 ? 3.75105   -1.34418  -5.29831  1.000 76.90531  ? 41 VAL A CG2 1 
ATOM 311 N N   . ARG A 1 42 ? 2.80548   -4.27666  -6.00325  1.000 77.30816  ? 42 ARG A N   1 
ATOM 312 C CA  . ARG A 1 42 ? 3.48898   -5.48406  -6.45331  1.000 81.75235  ? 42 ARG A CA  1 
ATOM 313 C C   . ARG A 1 42 ? 2.52637   -6.40978  -7.18440  1.000 90.24368  ? 42 ARG A C   1 
ATOM 314 O O   . ARG A 1 42 ? 2.91309   -7.09199  -8.14145  1.000 97.35450  ? 42 ARG A O   1 
ATOM 315 C CB  . ARG A 1 42 ? 4.13811   -6.19104  -5.26519  1.000 80.87446  ? 42 ARG A CB  1 
ATOM 316 C CG  . ARG A 1 42 ? 5.30924   -5.42178  -4.68489  1.000 82.51229  ? 42 ARG A CG  1 
ATOM 317 C CD  . ARG A 1 42 ? 5.82206   -6.05183  -3.40455  1.000 88.42085  ? 42 ARG A CD  1 
ATOM 318 N NE  . ARG A 1 42 ? 6.14501   -7.46358  -3.56898  1.000 96.79437  ? 42 ARG A NE  1 
ATOM 319 C CZ  . ARG A 1 42 ? 6.94468   -8.14034  -2.75700  1.000 101.30929 ? 42 ARG A CZ  1 
ATOM 320 N NH1 . ARG A 1 42 ? 7.55137   -7.55185  -1.73958  1.000 90.69831  ? 42 ARG A NH1 1 
ATOM 321 N NH2 . ARG A 1 42 ? 7.14608   -9.43704  -2.97512  1.000 99.96931  ? 42 ARG A NH2 1 
ATOM 322 N N   . GLN A 1 43 ? 1.26687   -6.44694  -6.74552  1.000 89.13652  ? 43 GLN A N   1 
ATOM 323 C CA  . GLN A 1 43 ? 0.22440   -7.12404  -7.50308  1.000 86.86961  ? 43 GLN A CA  1 
ATOM 324 C C   . GLN A 1 43 ? -0.16634  -6.36130  -8.75937  1.000 90.24356  ? 43 GLN A C   1 
ATOM 325 O O   . GLN A 1 43 ? -0.85143  -6.92684  -9.61799  1.000 94.35653  ? 43 GLN A O   1 
ATOM 326 C CB  . GLN A 1 43 ? -1.01214  -7.33264  -6.62746  1.000 78.60627  ? 43 GLN A CB  1 
ATOM 327 C CG  . GLN A 1 43 ? -0.82382  -8.33715  -5.50818  1.000 82.98065  ? 43 GLN A CG  1 
ATOM 328 C CD  . GLN A 1 43 ? -2.05455  -8.47241  -4.63566  1.000 85.76271  ? 43 GLN A CD  1 
ATOM 329 O OE1 . GLN A 1 43 ? -3.04884  -7.77599  -4.83593  1.000 85.70044  ? 43 GLN A OE1 1 
ATOM 330 N NE2 . GLN A 1 43 ? -1.99419  -9.37099  -3.65983  1.000 87.46972  ? 43 GLN A NE2 1 
ATOM 331 N N   . GLY A 1 44 ? 0.25713   -5.10631  -8.88981  1.000 90.26680  ? 44 GLY A N   1 
ATOM 332 C CA  . GLY A 1 44 ? -0.17240  -4.27223  -9.99192  1.000 92.35654  ? 44 GLY A CA  1 
ATOM 333 C C   . GLY A 1 44 ? -1.67419  -4.08630  -9.99443  1.000 96.69424  ? 44 GLY A C   1 
ATOM 334 O O   . GLY A 1 44 ? -2.33868  -4.37328  -10.99311 1.000 97.35020  ? 44 GLY A O   1 
ATOM 335 N N   . ALA A 1 45 ? -2.22270  -3.61394  -8.87772  1.000 93.58350  ? 45 ALA A N   1 
ATOM 336 C CA  . ALA A 1 45 ? -3.66356  -3.46301  -8.75283  1.000 96.12848  ? 45 ALA A CA  1 
ATOM 337 C C   . ALA A 1 45 ? -4.15263  -2.29422  -9.60655  1.000 101.46460 ? 45 ALA A C   1 
ATOM 338 O O   . ALA A 1 45 ? -3.39069  -1.64718  -10.33111 1.000 117.53108 ? 45 ALA A O   1 
ATOM 339 C CB  . ALA A 1 45 ? -4.05228  -3.26868  -7.29105  1.000 91.86719  ? 45 ALA A CB  1 
ATOM 340 N N   . ASP A 1 46 ? -5.44910  -2.01859  -9.51012  1.000 87.90927  ? 46 ASP A N   1 
ATOM 341 C CA  . ASP A 1 46 ? -6.05915  -0.98573  -10.32842 1.000 89.86816  ? 46 ASP A CA  1 
ATOM 342 C C   . ASP A 1 46 ? -5.75953  0.40100   -9.76489  1.000 86.72311  ? 46 ASP A C   1 
ATOM 343 O O   . ASP A 1 46 ? -5.34487  0.55988   -8.61356  1.000 87.93733  ? 46 ASP A O   1 
ATOM 344 C CB  . ASP A 1 46 ? -7.56898  -1.20401  -10.42683 1.000 97.31664  ? 46 ASP A CB  1 
ATOM 345 C CG  . ASP A 1 46 ? -8.17813  -0.52355  -11.63776 1.000 110.33081 ? 46 ASP A CG  1 
ATOM 346 O OD1 . ASP A 1 46 ? -7.77376  0.61491   -11.95307 1.000 109.28119 ? 46 ASP A OD1 1 
ATOM 347 O OD2 . ASP A 1 46 ? -9.05468  -1.13341  -12.28479 1.000 115.26105 ? 46 ASP A OD2 1 
ATOM 348 N N   . SER A 1 47 ? -5.97647  1.41424   -10.60830 1.000 82.85005  ? 47 SER A N   1 
ATOM 349 C CA  . SER A 1 47 ? -5.73103  2.79544   -10.20377 1.000 84.25669  ? 47 SER A CA  1 
ATOM 350 C C   . SER A 1 47 ? -6.59240  3.17665   -9.00631  1.000 79.19055  ? 47 SER A C   1 
ATOM 351 O O   . SER A 1 47 ? -6.09494  3.72618   -8.01618  1.000 75.33195  ? 47 SER A O   1 
ATOM 352 C CB  . SER A 1 47 ? -5.99995  3.73851   -11.37766 1.000 92.29621  ? 47 SER A CB  1 
ATOM 353 O OG  . SER A 1 47 ? -5.56535  3.17194   -12.60163 1.000 96.59409  ? 47 SER A OG  1 
ATOM 354 N N   . LEU A 1 48 ? -7.89450  2.89157   -9.08139  1.000 74.59398  ? 48 LEU A N   1 
ATOM 355 C CA  . LEU A 1 48 ? -8.78157  3.20287   -7.96600  1.000 68.96666  ? 48 LEU A CA  1 
ATOM 356 C C   . LEU A 1 48 ? -8.39909  2.41033   -6.72296  1.000 70.62066  ? 48 LEU A C   1 
ATOM 357 O O   . LEU A 1 48 ? -8.39015  2.95478   -5.61354  1.000 68.62742  ? 48 LEU A O   1 
ATOM 358 C CB  . LEU A 1 48 ? -10.23488 2.93583   -8.35954  1.000 67.69286  ? 48 LEU A CB  1 
ATOM 359 C CG  . LEU A 1 48 ? -11.03757 4.14399   -8.85660  1.000 71.71892  ? 48 LEU A CG  1 
ATOM 360 C CD1 . LEU A 1 48 ? -10.22960 5.00847   -9.81812  1.000 64.59686  ? 48 LEU A CD1 1 
ATOM 361 C CD2 . LEU A 1 48 ? -12.33324 3.69051   -9.51121  1.000 73.35288  ? 48 LEU A CD2 1 
ATOM 362 N N   . SER A 1 49 ? -8.06591  1.12608   -6.89096  1.000 66.47312  ? 49 SER A N   1 
ATOM 363 C CA  . SER A 1 49 ? -7.60283  0.32276   -5.76220  1.000 64.75043  ? 49 SER A CA  1 
ATOM 364 C C   . SER A 1 49 ? -6.40421  0.96790   -5.08092  1.000 69.80785  ? 49 SER A C   1 
ATOM 365 O O   . SER A 1 49 ? -6.29682  0.95368   -3.84906  1.000 70.35462  ? 49 SER A O   1 
ATOM 366 C CB  . SER A 1 49 ? -7.24430  -1.08835  -6.22872  1.000 81.08629  ? 49 SER A CB  1 
ATOM 367 O OG  . SER A 1 49 ? -8.35687  -1.74458  -6.80449  1.000 85.38099  ? 49 SER A OG  1 
ATOM 368 N N   . LEU A 1 50 ? -5.49332  1.54201   -5.86725  1.000 69.64176  ? 50 LEU A N   1 
ATOM 369 C CA  . LEU A 1 50 ? -4.31462  2.18079   -5.29574  1.000 70.12531  ? 50 LEU A CA  1 
ATOM 370 C C   . LEU A 1 50 ? -4.64912  3.53802   -4.68933  1.000 67.95578  ? 50 LEU A C   1 
ATOM 371 O O   . LEU A 1 50 ? -4.09368  3.90589   -3.64853  1.000 76.51986  ? 50 LEU A O   1 
ATOM 372 C CB  . LEU A 1 50 ? -3.23083  2.32743   -6.36146  1.000 70.17450  ? 50 LEU A CB  1 
ATOM 373 C CG  . LEU A 1 50 ? -2.60864  1.05274   -6.92967  1.000 76.90947  ? 50 LEU A CG  1 
ATOM 374 C CD1 . LEU A 1 50 ? -1.63731  1.39132   -8.04964  1.000 73.61971  ? 50 LEU A CD1 1 
ATOM 375 C CD2 . LEU A 1 50 ? -1.91143  0.27045   -5.83291  1.000 76.29614  ? 50 LEU A CD2 1 
ATOM 376 N N   . LEU A 1 51 ? -5.54702  4.29584   -5.32616  1.000 66.82395  ? 51 LEU A N   1 
ATOM 377 C CA  . LEU A 1 51 ? -5.94634  5.58753   -4.77469  1.000 69.53330  ? 51 LEU A CA  1 
ATOM 378 C C   . LEU A 1 51 ? -6.61249  5.42589   -3.41423  1.000 68.38202  ? 51 LEU A C   1 
ATOM 379 O O   . LEU A 1 51 ? -6.43256  6.26541   -2.52396  1.000 65.83813  ? 51 LEU A O   1 
ATOM 380 C CB  . LEU A 1 51 ? -6.88005  6.31249   -5.74403  1.000 69.67091  ? 51 LEU A CB  1 
ATOM 381 C CG  . LEU A 1 51 ? -6.22305  7.07248   -6.89652  1.000 64.20988  ? 51 LEU A CG  1 
ATOM 382 C CD1 . LEU A 1 51 ? -7.27933  7.73255   -7.76903  1.000 74.09507  ? 51 LEU A CD1 1 
ATOM 383 C CD2 . LEU A 1 51 ? -5.24543  8.10648   -6.36071  1.000 62.03563  ? 51 LEU A CD2 1 
ATOM 384 N N   . ILE A 1 52 ? -7.38922  4.35485   -3.23430  1.000 66.89704  ? 52 ILE A N   1 
ATOM 385 C CA  . ILE A 1 52 ? -7.99345  4.08885   -1.93119  1.000 64.25079  ? 52 ILE A CA  1 
ATOM 386 C C   . ILE A 1 52 ? -6.90913  3.81274   -0.89758  1.000 60.44678  ? 52 ILE A C   1 
ATOM 387 O O   . ILE A 1 52 ? -6.86087  4.44646   0.16313   1.000 64.92856  ? 52 ILE A O   1 
ATOM 388 C CB  . ILE A 1 52 ? -8.99260  2.92188   -2.02639  1.000 60.94358  ? 52 ILE A CB  1 
ATOM 389 C CG1 . ILE A 1 52 ? -10.09585 3.24049   -3.03687  1.000 56.36643  ? 52 ILE A CG1 1 
ATOM 390 C CG2 . ILE A 1 52 ? -9.59333  2.62303   -0.65834  1.000 58.03665  ? 52 ILE A CG2 1 
ATOM 391 C CD1 . ILE A 1 52 ? -10.83571 2.01695   -3.53417  1.000 59.71014  ? 52 ILE A CD1 1 
ATOM 392 N N   . ALA A 1 53 ? -6.01478  2.86639   -1.19918  1.000 53.64436  ? 53 ALA A N   1 
ATOM 393 C CA  . ALA A 1 53 ? -4.91407  2.56761   -0.28822  1.000 63.71783  ? 53 ALA A CA  1 
ATOM 394 C C   . ALA A 1 53 ? -4.01426  3.77748   -0.07709  1.000 62.64396  ? 53 ALA A C   1 
ATOM 395 O O   . ALA A 1 53 ? -3.46383  3.95804   1.01591   1.000 57.87277  ? 53 ALA A O   1 
ATOM 396 C CB  . ALA A 1 53 ? -4.09881  1.38759   -0.81648  1.000 67.78846  ? 53 ALA A CB  1 
ATOM 397 N N   . LEU A 1 54 ? -3.84587  4.60901   -1.10856  1.000 72.58488  ? 54 LEU A N   1 
ATOM 398 C CA  . LEU A 1 54 ? -3.08215  5.84056   -0.94671  1.000 60.21256  ? 54 LEU A CA  1 
ATOM 399 C C   . LEU A 1 54 ? -3.72000  6.73828   0.10183   1.000 66.45963  ? 54 LEU A C   1 
ATOM 400 O O   . LEU A 1 54 ? -3.02247  7.31785   0.94228   1.000 59.64312  ? 54 LEU A O   1 
ATOM 401 C CB  . LEU A 1 54 ? -2.97743  6.57441   -2.28196  1.000 57.00543  ? 54 LEU A CB  1 
ATOM 402 C CG  . LEU A 1 54 ? -1.95618  7.70837   -2.35782  1.000 69.20866  ? 54 LEU A CG  1 
ATOM 403 C CD1 . LEU A 1 54 ? -0.54607  7.14413   -2.34028  1.000 69.97132  ? 54 LEU A CD1 1 
ATOM 404 C CD2 . LEU A 1 54 ? -2.18743  8.55450   -3.59807  1.000 80.08978  ? 54 LEU A CD2 1 
ATOM 405 N N   . GLU A 1 55 ? -5.04890  6.85944   0.07404   1.000 68.15923  ? 55 GLU A N   1 
ATOM 406 C CA  . GLU A 1 55 ? -5.73144  7.64463   1.09547   1.000 60.20292  ? 55 GLU A CA  1 
ATOM 407 C C   . GLU A 1 55 ? -5.50199  7.05115   2.47980   1.000 64.15831  ? 55 GLU A C   1 
ATOM 408 O O   . GLU A 1 55 ? -5.07128  7.75362   3.40132   1.000 66.18284  ? 55 GLU A O   1 
ATOM 409 C CB  . GLU A 1 55 ? -7.22782  7.75098   0.77867   1.000 67.18751  ? 55 GLU A CB  1 
ATOM 410 C CG  . GLU A 1 55 ? -8.18856  7.54177   1.96670   1.000 84.47904  ? 55 GLU A CG  1 
ATOM 411 C CD  . GLU A 1 55 ? -8.15479  8.62724   3.04429   1.000 97.96623  ? 55 GLU A CD  1 
ATOM 412 O OE1 . GLU A 1 55 ? -7.14763  9.34746   3.19912   1.000 101.46520 ? 55 GLU A OE1 1 
ATOM 413 O OE2 . GLU A 1 55 ? -9.17518  8.74426   3.75822   1.000 98.32486  ? 55 GLU A OE2 1 
ATOM 414 N N   . ILE A 1 56 ? -5.76146  5.75065   2.64123   1.000 59.52653  ? 56 ILE A N   1 
ATOM 415 C CA  . ILE A 1 56 ? -5.64975  5.13747   3.96074   1.000 56.88970  ? 56 ILE A CA  1 
ATOM 416 C C   . ILE A 1 56 ? -4.23778  5.28357   4.50912   1.000 64.55325  ? 56 ILE A C   1 
ATOM 417 O O   . ILE A 1 56 ? -4.03663  5.34363   5.72881   1.000 65.10300  ? 56 ILE A O   1 
ATOM 418 C CB  . ILE A 1 56 ? -6.07891  3.66188   3.89720   1.000 46.24070  ? 56 ILE A CB  1 
ATOM 419 C CG1 . ILE A 1 56 ? -7.40223  3.52645   3.14436   1.000 53.07810  ? 56 ILE A CG1 1 
ATOM 420 C CG2 . ILE A 1 56 ? -6.22468  3.11382   5.28933   1.000 54.49809  ? 56 ILE A CG2 1 
ATOM 421 C CD1 . ILE A 1 56 ? -7.78851  2.09778   2.84500   1.000 53.58075  ? 56 ILE A CD1 1 
ATOM 422 N N   . LEU A 1 57 ? -3.24242  5.36323   3.62616   1.000 61.95670  ? 57 LEU A N   1 
ATOM 423 C CA  . LEU A 1 57 ? -1.86308  5.50898   4.07213   1.000 60.21493  ? 57 LEU A CA  1 
ATOM 424 C C   . LEU A 1 57 ? -1.52155  6.95882   4.39606   1.000 67.61032  ? 57 LEU A C   1 
ATOM 425 O O   . LEU A 1 57 ? -0.77833  7.22267   5.34862   1.000 72.03062  ? 57 LEU A O   1 
ATOM 426 C CB  . LEU A 1 57 ? -0.91195  4.96423   3.00831   1.000 58.26111  ? 57 LEU A CB  1 
ATOM 427 C CG  . LEU A 1 57 ? 0.57731   5.14087   3.30122   1.000 63.26168  ? 57 LEU A CG  1 
ATOM 428 C CD1 . LEU A 1 57 ? 0.93590   4.54051   4.65156   1.000 60.36764  ? 57 LEU A CD1 1 
ATOM 429 C CD2 . LEU A 1 57 ? 1.40939   4.51597   2.19810   1.000 66.23055  ? 57 LEU A CD2 1 
ATOM 430 N N   . LEU A 1 58 ? -2.05037  7.90815   3.61903   1.000 61.61722  ? 58 LEU A N   1 
ATOM 431 C CA  . LEU A 1 58 ? -1.70193  9.31177   3.82324   1.000 61.70802  ? 58 LEU A CA  1 
ATOM 432 C C   . LEU A 1 58 ? -2.09666  9.78380   5.21856   1.000 62.88887  ? 58 LEU A C   1 
ATOM 433 O O   . LEU A 1 58 ? -1.31123  10.44422  5.90639   1.000 68.79872  ? 58 LEU A O   1 
ATOM 434 C CB  . LEU A 1 58 ? -2.36162  10.18318  2.75203   1.000 59.13110  ? 58 LEU A CB  1 
ATOM 435 C CG  . LEU A 1 58 ? -1.76993  10.16305  1.33889   1.000 58.84932  ? 58 LEU A CG  1 
ATOM 436 C CD1 . LEU A 1 58 ? -2.52014  11.12860  0.42929   1.000 60.28320  ? 58 LEU A CD1 1 
ATOM 437 C CD2 . LEU A 1 58 ? -0.28153  10.48288  1.35486   1.000 51.30475  ? 58 LEU A CD2 1 
ATOM 438 N N   . LYS A 1 59 ? -3.30487  9.43252   5.66514   1.000 60.88150  ? 59 LYS A N   1 
ATOM 439 C CA  . LYS A 1 59 ? -3.80792  9.92096   6.94556   1.000 60.15170  ? 59 LYS A CA  1 
ATOM 440 C C   . LYS A 1 59 ? -2.98635  9.44170   8.13667   1.000 60.76730  ? 59 LYS A C   1 
ATOM 441 O O   . LYS A 1 59 ? -3.17040  9.96354   9.24220   1.000 68.06477  ? 59 LYS A O   1 
ATOM 442 C CB  . LYS A 1 59 ? -5.26528  9.49583   7.13548   1.000 63.10557  ? 59 LYS A CB  1 
ATOM 443 C CG  . LYS A 1 59 ? -5.43554  8.03753   7.53006   1.000 71.09493  ? 59 LYS A CG  1 
ATOM 444 C CD  . LYS A 1 59 ? -6.88641  7.71894   7.85677   1.000 80.06882  ? 59 LYS A CD  1 
ATOM 445 C CE  . LYS A 1 59 ? -7.03582  6.30690   8.40650   1.000 87.42603  ? 59 LYS A CE  1 
ATOM 446 N NZ  . LYS A 1 59 ? -6.37788  6.14605   9.73582   1.000 91.77089  ? 59 LYS A NZ  1 
ATOM 447 N N   . VAL A 1 60 ? -2.09541  8.47103   7.94593   1.000 58.70502  ? 60 VAL A N   1 
ATOM 448 C CA  . VAL A 1 60 ? -1.28520  7.92899   9.03085   1.000 55.44740  ? 60 VAL A CA  1 
ATOM 449 C C   . VAL A 1 60 ? 0.14939   7.81641   8.52200   1.000 64.68408  ? 60 VAL A C   1 
ATOM 450 O O   . VAL A 1 60 ? 0.89033   6.88848   8.86792   1.000 67.26316  ? 60 VAL A O   1 
ATOM 451 C CB  . VAL A 1 60 ? -1.86324  6.58275   9.51911   1.000 54.43402  ? 60 VAL A CB  1 
ATOM 452 C CG1 . VAL A 1 60 ? -1.74830  5.49850   8.44232   1.000 43.25934  ? 60 VAL A CG1 1 
ATOM 453 C CG2 . VAL A 1 60 ? -1.24491  6.15124   10.85234  1.000 70.35952  ? 60 VAL A CG2 1 
ATOM 454 N N   . LEU A 1 61 ? 0.55719   8.78971   7.71299   1.000 72.44194  ? 61 LEU A N   1 
ATOM 455 C CA  . LEU A 1 61 ? 1.81433   8.70897   6.98133   1.000 70.00491  ? 61 LEU A CA  1 
ATOM 456 C C   . LEU A 1 61 ? 2.98259   9.12279   7.86731   1.000 67.59384  ? 61 LEU A C   1 
ATOM 457 O O   . LEU A 1 61 ? 3.00964   10.24315  8.38731   1.000 69.54360  ? 61 LEU A O   1 
ATOM 458 C CB  . LEU A 1 61 ? 1.75220   9.59215   5.73842   1.000 67.12434  ? 61 LEU A CB  1 
ATOM 459 C CG  . LEU A 1 61 ? 2.89713   9.40908   4.74647   1.000 68.77580  ? 61 LEU A CG  1 
ATOM 460 C CD1 . LEU A 1 61 ? 3.00960   7.94510   4.37332   1.000 71.21865  ? 61 LEU A CD1 1 
ATOM 461 C CD2 . LEU A 1 61 ? 2.68334   10.26659  3.50810   1.000 68.48057  ? 61 LEU A CD2 1 
ATOM 462 N N   . THR A 1 62 ? 3.96425   8.20572   8.03431   1.000 74.23997  ? 62 THR A N   1 
ATOM 463 C CA  . THR A 1 62 ? 5.23940   8.53289   8.65235   1.000 72.25562  ? 62 THR A CA  1 
ATOM 464 C C   . THR A 1 62 ? 6.25799   8.88728   7.57248   1.000 73.68711  ? 62 THR A C   1 
ATOM 465 O O   . THR A 1 62 ? 6.12801   8.44745   6.42454   1.000 79.82991  ? 62 THR A O   1 
ATOM 466 C CB  . THR A 1 62 ? 5.75938   7.35665   9.47551   1.000 74.53889  ? 62 THR A CB  1 
ATOM 467 O OG1 . THR A 1 62 ? 6.47719   6.45409   8.62602   1.000 88.44448  ? 62 THR A OG1 1 
ATOM 468 C CG2 . THR A 1 62 ? 4.60459   6.61121   10.13020  1.000 81.42650  ? 62 THR A CG2 1 
ATOM 469 N N   . PRO A 1 63 ? 7.27593   9.68963   7.89566   1.000 77.94251  ? 63 PRO A N   1 
ATOM 470 C CA  . PRO A 1 63 ? 8.27842   10.04546  6.87697   1.000 86.40682  ? 63 PRO A CA  1 
ATOM 471 C C   . PRO A 1 63 ? 8.99707   8.84843   6.27710   1.000 86.76708  ? 63 PRO A C   1 
ATOM 472 O O   . PRO A 1 63 ? 9.54071   8.96264   5.17141   1.000 75.89888  ? 63 PRO A O   1 
ATOM 473 C CB  . PRO A 1 63 ? 9.24895   10.95220  7.64358   1.000 89.51274  ? 63 PRO A CB  1 
ATOM 474 C CG  . PRO A 1 63 ? 8.43414   11.52142  8.75157   1.000 80.27311  ? 63 PRO A CG  1 
ATOM 475 C CD  . PRO A 1 63 ? 7.48768   10.42483  9.15411   1.000 78.39936  ? 63 PRO A CD  1 
ATOM 476 N N   . GLU A 1 64 ? 9.01710   7.70527   6.96530   1.000 85.83922  ? 64 GLU A N   1 
ATOM 477 C CA  . GLU A 1 64 ? 9.67243   6.51994   6.42729   1.000 85.52678  ? 64 GLU A CA  1 
ATOM 478 C C   . GLU A 1 64 ? 8.88797   5.89621   5.28128   1.000 86.02648  ? 64 GLU A C   1 
ATOM 479 O O   . GLU A 1 64 ? 9.44970   5.09497   4.52709   1.000 89.90833  ? 64 GLU A O   1 
ATOM 480 C CB  . GLU A 1 64 ? 9.88501   5.48297   7.53315   1.000 90.01925  ? 64 GLU A CB  1 
ATOM 481 C CG  . GLU A 1 64 ? 10.94151  5.85310   8.57175   1.000 94.94704  ? 64 GLU A CG  1 
ATOM 482 C CD  . GLU A 1 64 ? 10.55579  7.05882   9.40805   1.000 93.96196  ? 64 GLU A CD  1 
ATOM 483 O OE1 . GLU A 1 64 ? 10.82586  8.19858   8.97192   1.000 94.80425  ? 64 GLU A OE1 1 
ATOM 484 O OE2 . GLU A 1 64 ? 9.96947   6.86687   10.49392  1.000 94.62697  ? 64 GLU A OE2 1 
ATOM 485 N N   . ASN A 1 65 ? 7.61057   6.24087   5.13306   1.000 86.45146  ? 65 ASN A N   1 
ATOM 486 C CA  . ASN A 1 65 ? 6.78056   5.71167   4.06087   1.000 90.80306  ? 65 ASN A CA  1 
ATOM 487 C C   . ASN A 1 65 ? 6.68013   6.65128   2.86772   1.000 87.66180  ? 65 ASN A C   1 
ATOM 488 O O   . ASN A 1 65 ? 5.92863   6.35982   1.93144   1.000 87.21374  ? 65 ASN A O   1 
ATOM 489 C CB  . ASN A 1 65 ? 5.37779   5.39248   4.58445   1.000 93.34661  ? 65 ASN A CB  1 
ATOM 490 C CG  . ASN A 1 65 ? 5.38385   4.31989   5.65222   1.000 96.63073  ? 65 ASN A CG  1 
ATOM 491 O OD1 . ASN A 1 65 ? 6.14574   3.35556   5.57696   1.000 102.15673 ? 65 ASN A OD1 1 
ATOM 492 N ND2 . ASN A 1 65 ? 4.53375   4.48445   6.65860   1.000 94.72374  ? 65 ASN A ND2 1 
ATOM 493 N N   . GLU A 1 66 ? 7.40156   7.77076   2.88319   1.000 83.86737  ? 66 GLU A N   1 
ATOM 494 C CA  . GLU A 1 66 ? 7.48952   8.61303   1.69326   1.000 86.51862  ? 66 GLU A CA  1 
ATOM 495 C C   . GLU A 1 66 ? 7.91518   7.84571   0.44668   1.000 88.80621  ? 66 GLU A C   1 
ATOM 496 O O   . GLU A 1 66 ? 7.37401   8.13739   -0.63446  1.000 94.79820  ? 66 GLU A O   1 
ATOM 497 C CB  . GLU A 1 66 ? 8.44090   9.79183   1.95283   1.000 90.33841  ? 66 GLU A CB  1 
ATOM 498 C CG  . GLU A 1 66 ? 7.76421   11.15516  1.89596   1.000 91.01250  ? 66 GLU A CG  1 
ATOM 499 C CD  . GLU A 1 66 ? 8.56419   12.17624  1.10689   1.000 99.09600  ? 66 GLU A CD  1 
ATOM 500 O OE1 . GLU A 1 66 ? 9.81137   12.11871  1.14427   1.000 98.22588  ? 66 GLU A OE1 1 
ATOM 501 O OE2 . GLU A 1 66 ? 7.94340   13.03203  0.44060   1.000 111.52740 ? 66 GLU A OE2 1 
ATOM 502 N N   . PRO A 1 67 ? 8.84946   6.88558   0.50159   1.000 90.80719  ? 67 PRO A N   1 
ATOM 503 C CA  . PRO A 1 67 ? 9.08286   6.05418   -0.69012  1.000 88.62800  ? 67 PRO A CA  1 
ATOM 504 C C   . PRO A 1 67 ? 7.86890   5.23935   -1.10131  1.000 87.64749  ? 67 PRO A C   1 
ATOM 505 O O   . PRO A 1 67 ? 7.57919   5.14920   -2.30029  1.000 79.86223  ? 67 PRO A O   1 
ATOM 506 C CB  . PRO A 1 67 ? 10.25865  5.15819   -0.27040  1.000 94.59196  ? 67 PRO A CB  1 
ATOM 507 C CG  . PRO A 1 67 ? 10.28095  5.21470   1.22312   1.000 82.89873  ? 67 PRO A CG  1 
ATOM 508 C CD  . PRO A 1 67 ? 9.84486   6.60261   1.55180   1.000 95.38342  ? 67 PRO A CD  1 
ATOM 509 N N   . ILE A 1 68 ? 7.14493   4.64904   -0.14207  1.000 84.09379  ? 68 ILE A N   1 
ATOM 510 C CA  . ILE A 1 68 ? 5.94245   3.88692   -0.47544  1.000 79.81383  ? 68 ILE A CA  1 
ATOM 511 C C   . ILE A 1 68 ? 4.95794   4.75456   -1.24368  1.000 81.00180  ? 68 ILE A C   1 
ATOM 512 O O   . ILE A 1 68 ? 4.21209   4.25958   -2.09742  1.000 74.49343  ? 68 ILE A O   1 
ATOM 513 C CB  . ILE A 1 68 ? 5.29400   3.30562   0.79663   1.000 76.51753  ? 68 ILE A CB  1 
ATOM 514 C CG1 . ILE A 1 68 ? 6.34545   2.64589   1.68960   1.000 86.52693  ? 68 ILE A CG1 1 
ATOM 515 C CG2 . ILE A 1 68 ? 4.22491   2.28724   0.43073   1.000 71.81636  ? 68 ILE A CG2 1 
ATOM 516 C CD1 . ILE A 1 68 ? 6.96941   1.41123   1.08126   1.000 80.76536  ? 68 ILE A CD1 1 
ATOM 517 N N   . ILE A 1 69 ? 4.93827   6.05652   -0.95986  1.000 77.41110  ? 69 ILE A N   1 
ATOM 518 C CA  . ILE A 1 69 ? 4.11541   6.97297   -1.73926  1.000 73.71662  ? 69 ILE A CA  1 
ATOM 519 C C   . ILE A 1 69 ? 4.66067   7.10216   -3.15632  1.000 75.50941  ? 69 ILE A C   1 
ATOM 520 O O   . ILE A 1 69 ? 3.90327   7.07530   -4.13169  1.000 74.67850  ? 69 ILE A O   1 
ATOM 521 C CB  . ILE A 1 69 ? 4.02835   8.33973   -1.03884  1.000 80.48811  ? 69 ILE A CB  1 
ATOM 522 C CG1 . ILE A 1 69 ? 3.35426   8.19774   0.32651   1.000 73.96885  ? 69 ILE A CG1 1 
ATOM 523 C CG2 . ILE A 1 69 ? 3.26225   9.32929   -1.90105  1.000 79.23202  ? 69 ILE A CG2 1 
ATOM 524 C CD1 . ILE A 1 69 ? 1.97255   7.58355   0.26018   1.000 64.99400  ? 69 ILE A CD1 1 
ATOM 525 N N   . LEU A 1 70 ? 5.98371   7.22436   -3.28983  1.000 78.69994  ? 70 LEU A N   1 
ATOM 526 C CA  . LEU A 1 70 ? 6.61031   7.39271   -4.59780  1.000 79.74092  ? 70 LEU A CA  1 
ATOM 527 C C   . LEU A 1 70 ? 6.21641   6.26899   -5.55207  1.000 77.02653  ? 70 LEU A C   1 
ATOM 528 O O   . LEU A 1 70 ? 5.78638   6.51560   -6.68493  1.000 75.23589  ? 70 LEU A O   1 
ATOM 529 C CB  . LEU A 1 70 ? 8.13181   7.45702   -4.42764  1.000 89.92980  ? 70 LEU A CB  1 
ATOM 530 C CG  . LEU A 1 70 ? 9.01368   7.45505   -5.69328  1.000 95.40746  ? 70 LEU A CG  1 
ATOM 531 C CD1 . LEU A 1 70 ? 8.93611   8.79904   -6.46370  1.000 99.84850  ? 70 LEU A CD1 1 
ATOM 532 C CD2 . LEU A 1 70 ? 10.45428  7.08912   -5.35047  1.000 89.03631  ? 70 LEU A CD2 1 
ATOM 533 N N   . LEU A 1 71 ? 6.36016   5.01952   -5.10121  1.000 75.18105  ? 71 LEU A N   1 
ATOM 534 C CA  . LEU A 1 71 ? 5.96473   3.88428   -5.92738  1.000 73.31820  ? 71 LEU A CA  1 
ATOM 535 C C   . LEU A 1 71 ? 4.46562   3.89086   -6.17978  1.000 80.57324  ? 71 LEU A C   1 
ATOM 536 O O   . LEU A 1 71 ? 4.01416   3.58427   -7.28946  1.000 88.24328  ? 71 LEU A O   1 
ATOM 537 C CB  . LEU A 1 71 ? 6.37466   2.57299   -5.25995  1.000 81.54382  ? 71 LEU A CB  1 
ATOM 538 C CG  . LEU A 1 71 ? 7.30546   2.62266   -4.04923  1.000 93.71122  ? 71 LEU A CG  1 
ATOM 539 C CD1 . LEU A 1 71 ? 7.18732   1.34088   -3.24425  1.000 84.59208  ? 71 LEU A CD1 1 
ATOM 540 C CD2 . LEU A 1 71 ? 8.74674   2.85385   -4.47622  1.000 94.45799  ? 71 LEU A CD2 1 
ATOM 541 N N   . GLY A 1 72 ? 3.67927   4.22630   -5.15418  1.000 75.64971  ? 72 GLY A N   1 
ATOM 542 C CA  . GLY A 1 72 ? 2.23526   4.26123   -5.32024  1.000 68.43351  ? 72 GLY A CA  1 
ATOM 543 C C   . GLY A 1 72 ? 1.80275   5.22074   -6.40886  1.000 77.21460  ? 72 GLY A C   1 
ATOM 544 O O   . GLY A 1 72 ? 1.05719   4.85163   -7.31931  1.000 82.69385  ? 72 GLY A O   1 
ATOM 545 N N   . LEU A 1 73 ? 2.27728   6.46733   -6.33821  1.000 73.23003  ? 73 LEU A N   1 
ATOM 546 C CA  . LEU A 1 73 ? 1.93912   7.45469   -7.35835  1.000 71.51960  ? 73 LEU A CA  1 
ATOM 547 C C   . LEU A 1 73 ? 2.38889   6.99015   -8.73771  1.000 77.44085  ? 73 LEU A C   1 
ATOM 548 O O   . LEU A 1 73 ? 1.61738   7.02632   -9.70324  1.000 78.98881  ? 73 LEU A O   1 
ATOM 549 C CB  . LEU A 1 73 ? 2.58014   8.79991   -7.01783  1.000 75.28014  ? 73 LEU A CB  1 
ATOM 550 C CG  . LEU A 1 73 ? 2.44116   9.31967   -5.58670  1.000 70.90543  ? 73 LEU A CG  1 
ATOM 551 C CD1 . LEU A 1 73 ? 3.23169   10.60332  -5.40825  1.000 67.74148  ? 73 LEU A CD1 1 
ATOM 552 C CD2 . LEU A 1 73 ? 0.98596   9.52207   -5.20814  1.000 77.65364  ? 73 LEU A CD2 1 
ATOM 553 N N   . LYS A 1 74 ? 3.64323   6.54528   -8.84002  1.000 85.79371  ? 74 LYS A N   1 
ATOM 554 C CA  . LYS A 1 74 ? 4.18689   6.09795   -10.11800 1.000 86.00321  ? 74 LYS A CA  1 
ATOM 555 C C   . LYS A 1 74 ? 3.37234   4.94840   -10.69504 1.000 81.28743  ? 74 LYS A C   1 
ATOM 556 O O   . LYS A 1 74 ? 3.09924   4.91489   -11.90096 1.000 84.23956  ? 74 LYS A O   1 
ATOM 557 C CB  . LYS A 1 74 ? 5.64408   5.68667   -9.92697  1.000 68.71641  ? 74 LYS A CB  1 
ATOM 558 C CG  . LYS A 1 74 ? 6.52231   5.79110   -11.15627 1.000 82.52392  ? 74 LYS A CG  1 
ATOM 559 C CD  . LYS A 1 74 ? 7.97139   5.93330   -10.72531 1.000 94.56115  ? 74 LYS A CD  1 
ATOM 560 C CE  . LYS A 1 74 ? 8.30924   4.91415   -9.64455  1.000 92.21947  ? 74 LYS A CE  1 
ATOM 561 N NZ  . LYS A 1 74 ? 9.52031   5.28317   -8.86271  1.000 100.49977 ? 74 LYS A NZ  1 
ATOM 562 N N   . ALA A 1 75 ? 2.96811   3.99986   -9.84697  1.000 71.82930  ? 75 ALA A N   1 
ATOM 563 C CA  . ALA A 1 75 ? 2.13424   2.89903   -10.31543 1.000 80.83816  ? 75 ALA A CA  1 
ATOM 564 C C   . ALA A 1 75 ? 0.74464   3.38609   -10.70545 1.000 79.06619  ? 75 ALA A C   1 
ATOM 565 O O   . ALA A 1 75 ? 0.18489   2.93523   -11.71203 1.000 77.92195  ? 75 ALA A O   1 
ATOM 566 C CB  . ALA A 1 75 ? 2.04278   1.81449   -9.24357  1.000 84.08695  ? 75 ALA A CB  1 
ATOM 567 N N   . ILE A 1 76 ? 0.17060   4.30586   -9.92425  1.000 78.80466  ? 76 ILE A N   1 
ATOM 568 C CA  . ILE A 1 76 ? -1.12813  4.86717   -10.28701 1.000 85.15290  ? 76 ILE A CA  1 
ATOM 569 C C   . ILE A 1 76 ? -1.05026  5.55330   -11.64437 1.000 85.57946  ? 76 ILE A C   1 
ATOM 570 O O   . ILE A 1 76 ? -1.96924  5.43617   -12.46159 1.000 97.12579  ? 76 ILE A O   1 
ATOM 571 C CB  . ILE A 1 76 ? -1.62883  5.83485   -9.19911  1.000 77.16329  ? 76 ILE A CB  1 
ATOM 572 C CG1 . ILE A 1 76 ? -1.90924  5.08526   -7.90182  1.000 69.08420  ? 76 ILE A CG1 1 
ATOM 573 C CG2 . ILE A 1 76 ? -2.88985  6.54715   -9.66692  1.000 78.17348  ? 76 ILE A CG2 1 
ATOM 574 C CD1 . ILE A 1 76 ? -2.17514  5.98786   -6.72788  1.000 72.89352  ? 76 ILE A CD1 1 
ATOM 575 N N   . LEU A 1 77 ? 0.05789   6.26412   -11.90895 1.000 83.26773  ? 77 LEU A N   1 
ATOM 576 C CA  . LEU A 1 77 ? 0.21056   7.04373   -13.14065 1.000 93.49055  ? 77 LEU A CA  1 
ATOM 577 C C   . LEU A 1 77 ? -0.00802  6.18696   -14.37935 1.000 94.46180  ? 77 LEU A C   1 
ATOM 578 O O   . LEU A 1 77 ? -0.57419  6.64918   -15.37789 1.000 91.84398  ? 77 LEU A O   1 
ATOM 579 C CB  . LEU A 1 77 ? 1.60443   7.69425   -13.20361 1.000 87.41597  ? 77 LEU A CB  1 
ATOM 580 C CG  . LEU A 1 77 ? 1.89432   9.00633   -12.45282 1.000 88.21283  ? 77 LEU A CG  1 
ATOM 581 C CD1 . LEU A 1 77 ? 3.00889   9.86527   -13.07529 1.000 94.03557  ? 77 LEU A CD1 1 
ATOM 582 C CD2 . LEU A 1 77 ? 0.63103   9.81745   -12.28437 1.000 79.58479  ? 77 LEU A CD2 1 
ATOM 583 N N   . GLU A 1 78 ? 0.44877   4.93881   -14.33930 1.000 92.29214  ? 78 GLU A N   1 
ATOM 584 C CA  . GLU A 1 78 ? 0.33735   4.05340   -15.48970 1.000 92.72770  ? 78 GLU A CA  1 
ATOM 585 C C   . GLU A 1 78 ? -1.11276  3.65116   -15.73457 1.000 94.27288  ? 78 GLU A C   1 
ATOM 586 O O   . GLU A 1 78 ? -1.45851  2.47094   -15.62828 1.000 96.94945  ? 78 GLU A O   1 
ATOM 587 C CB  . GLU A 1 78 ? 1.21426   2.81427   -15.28687 1.000 91.72346  ? 78 GLU A CB  1 
ATOM 588 C CG  . GLU A 1 78 ? 2.71326   3.05114   -15.46765 1.000 100.18012 ? 78 GLU A CG  1 
ATOM 589 C CD  . GLU A 1 78 ? 3.18178   2.76370   -16.88366 1.000 113.30035 ? 78 GLU A CD  1 
ATOM 590 O OE1 . GLU A 1 78 ? 4.35487   3.05375   -17.20084 1.000 122.62150 ? 78 GLU A OE1 1 
ATOM 591 O OE2 . GLU A 1 78 ? 2.37092   2.24471   -17.68108 1.000 114.68112 ? 78 GLU A OE2 1 
ATOM 592 N N   . LYS A 1 79 ? -1.96139  4.61870   -16.07122 1.000 89.80574  ? 79 LYS A N   1 
ATOM 593 C CA  . LYS A 1 79 ? -3.37947  4.39104   -16.33645 1.000 87.39016  ? 79 LYS A CA  1 
ATOM 594 C C   . LYS A 1 79 ? -3.85460  5.02731   -17.63151 1.000 101.98880 ? 79 LYS A C   1 
ATOM 595 O O   . LYS A 1 79 ? -4.61500  4.40085   -18.37379 1.000 107.64262 ? 79 LYS A O   1 
ATOM 596 C CB  . LYS A 1 79 ? -4.21228  4.93154   -15.17491 1.000 84.35866  ? 79 LYS A CB  1 
ATOM 597 C CG  . LYS A 1 79 ? -3.80160  6.31965   -14.75809 1.000 92.22175  ? 79 LYS A CG  1 
ATOM 598 C CD  . LYS A 1 79 ? -4.96343  7.25873   -14.54660 1.000 100.78510 ? 79 LYS A CD  1 
ATOM 599 C CE  . LYS A 1 79 ? -4.53035  8.47074   -13.75019 1.000 106.57443 ? 79 LYS A CE  1 
ATOM 600 N NZ  . LYS A 1 79 ? -5.48970  9.59944   -13.85166 1.000 103.80370 ? 79 LYS A NZ  1 
ATOM 601 N N   . GLU A 1 80 ? -3.44811  6.26208   -17.90898 1.000 103.66123 ? 80 GLU A N   1 
ATOM 602 C CA  . GLU A 1 80 ? -3.86664  6.95410   -19.12353 1.000 111.69765 ? 80 GLU A CA  1 
ATOM 603 C C   . GLU A 1 80 ? -2.68504  7.64649   -19.79406 1.000 105.11009 ? 80 GLU A C   1 
ATOM 604 O O   . GLU A 1 80 ? -2.67352  7.83117   -21.01217 1.000 97.22147  ? 80 GLU A O   1 
ATOM 605 C CB  . GLU A 1 80 ? -4.96717  7.97166   -18.81329 1.000 115.70726 ? 80 GLU A CB  1 
ATOM 606 C CG  . GLU A 1 80 ? -6.31294  7.35755   -18.44704 1.000 113.10249 ? 80 GLU A CG  1 
ATOM 607 C CD  . GLU A 1 80 ? -7.33975  8.40153   -18.03647 1.000 115.67074 ? 80 GLU A CD  1 
ATOM 608 O OE1 . GLU A 1 80 ? -7.10796  9.60394   -18.28831 1.000 120.50786 ? 80 GLU A OE1 1 
ATOM 609 O OE2 . GLU A 1 80 ? -8.37838  8.01981   -17.45623 1.000 102.44350 ? 80 GLU A OE2 1 
# 
